data_4ZW5
#
_entry.id   4ZW5
#
_cell.length_a   75.840
_cell.length_b   109.100
_cell.length_c   117.960
_cell.angle_alpha   90.000
_cell.angle_beta   90.000
_cell.angle_gamma   90.000
#
_symmetry.space_group_name_H-M   'P 21 21 21'
#
loop_
_entity.id
_entity.type
_entity.pdbx_description
1 polymer 'M1 family aminopeptidase'
2 non-polymer 'ZINC ION'
3 non-polymer 'tert-butyl [(1S)-1-(biphenyl-4-yl)-2-(hydroxyamino)-2-oxoethyl]carbamate'
4 non-polymer 'MAGNESIUM ION'
5 water water
#
_entity_poly.entity_id   1
_entity_poly.type   'polypeptide(L)'
_entity_poly.pdbx_seq_one_letter_code
;EPKIHYRKDYKPSGFIINQVTLNINIHDQETIVRSVLDMDISKHNVGEDLVFDGVGLKINEISINNKKLVEGEEYTYDNE
FLTIFSKFVPKSKFAFSSEVIIHPETNYALTGLYKSKNIIVSQCEATGFRRITFFIDRPDMMAKYDVTVTADKEKYPVLL
SNGDKVNEFEIPGGRHGARFNDPPLKPCYLFAVVAGDLKHLSATYITKYTKKKVELYVFSEEKYVSKLQWALECLKKSMA
FDEDYFGLEYDLSRLNLVAVSDFNVGAMENKGLNIFNANSLLASKKNSIDFSYARILTVVGHEYFHQYTGNRVTLRDWFQ
LTLKEGLTVHRENLFSEEMTKTVTTRLSHVDLLRSVQFLEDSSPLSHPIRPESYVSMENFYTTTVYDKGSEVMRMYLTIL
GEEYYKKGFDIYIKKNDGNTATCEDFNYAMEQAYKMKKADNSANLNQYLLWFSQSGTPHVSFKYNYDAEKKQYSIHVNQY
TKPDENQKEKKPLFIPISVGLINPENGKEMISQTTLELTKESDTFVFNNIAVKPIPSLFRGFSAPVYIEDQLTDEERILL
LKYDSDAFVRYNSCTNIYMKQILMNYNEFLKAKNEKLESFQLTPVNAQFIDAIKYLLEDPHADAGFKSYIVSLPQDRYII
NFVSNLDTDVLADTKEYIYKQIGDKLNDVYYKMFKSLEAKADDLTYFNDESHVDFDQMNMRTLRNTLLSLLSKAQYPNIL
NEIIEHSKSPYPSNWLTSLSVSAYFDKYFELYDKTYKLSKDDELLLQEWLKTVSRSDRKDIYEILKKLENEVLKDSKNPN
DIRAVYLPFTNNLRRFHDISGKGYKLIAEVITKTDKFNPMVATQLCEPFKLWNKLDTKRQELMLNEMNTMLQEPQISNNL
KEYLLRLTNK
;
_entity_poly.pdbx_strand_id   A
#
loop_
_chem_comp.id
_chem_comp.type
_chem_comp.name
_chem_comp.formula
4SA non-polymer 'tert-butyl [(1S)-1-(biphenyl-4-yl)-2-(hydroxyamino)-2-oxoethyl]carbamate' 'C19 H22 N2 O4'
MG non-polymer 'MAGNESIUM ION' 'Mg 2'
ZN non-polymer 'ZINC ION' 'Zn 2'
#
# COMPACT_ATOMS: atom_id res chain seq x y z
N PRO A 2 24.72 12.67 -9.73
CA PRO A 2 23.51 12.26 -9.01
C PRO A 2 23.76 12.14 -7.50
N LYS A 3 23.16 13.03 -6.71
CA LYS A 3 23.53 13.13 -5.29
C LYS A 3 22.91 12.04 -4.42
N ILE A 4 23.75 11.39 -3.64
CA ILE A 4 23.32 10.36 -2.70
C ILE A 4 23.25 10.94 -1.29
N HIS A 5 22.08 10.79 -0.65
CA HIS A 5 21.88 11.25 0.71
C HIS A 5 22.08 10.08 1.67
N TYR A 6 22.88 10.29 2.72
CA TYR A 6 23.17 9.23 3.68
C TYR A 6 22.57 9.52 5.05
N ARG A 7 21.96 8.49 5.65
CA ARG A 7 21.34 8.63 6.96
C ARG A 7 22.33 9.10 8.01
N LYS A 8 23.55 8.57 7.96
CA LYS A 8 24.56 8.93 8.95
C LYS A 8 24.97 10.40 8.86
N ASP A 9 24.64 11.06 7.75
CA ASP A 9 25.09 12.43 7.53
C ASP A 9 24.15 13.50 8.08
N TYR A 10 23.11 13.11 8.80
CA TYR A 10 22.14 14.09 9.28
C TYR A 10 22.78 15.18 10.14
N LYS A 11 22.55 16.43 9.76
CA LYS A 11 22.96 17.56 10.57
C LYS A 11 21.89 18.65 10.51
N PRO A 12 21.59 19.29 11.64
CA PRO A 12 20.58 20.35 11.68
C PRO A 12 20.99 21.54 10.82
N SER A 13 20.01 22.27 10.28
CA SER A 13 20.25 23.43 9.43
C SER A 13 20.92 24.57 10.18
N GLY A 14 21.68 25.38 9.44
CA GLY A 14 22.27 26.59 9.99
C GLY A 14 21.28 27.75 10.00
N PHE A 15 20.05 27.48 9.55
CA PHE A 15 19.02 28.51 9.50
C PHE A 15 17.76 28.06 10.18
N ILE A 16 16.89 29.02 10.47
CA ILE A 16 15.57 28.75 11.00
C ILE A 16 14.53 29.51 10.17
N ILE A 17 13.42 28.85 9.87
CA ILE A 17 12.29 29.54 9.23
C ILE A 17 11.14 29.55 10.24
N ASN A 18 10.78 30.74 10.71
CA ASN A 18 9.77 30.86 11.76
C ASN A 18 8.38 31.09 11.22
N GLN A 19 8.27 31.86 10.15
CA GLN A 19 6.98 32.20 9.62
C GLN A 19 7.00 32.17 8.09
N VAL A 20 5.97 31.56 7.52
CA VAL A 20 5.76 31.58 6.08
C VAL A 20 4.50 32.39 5.78
N THR A 21 4.62 33.41 4.94
CA THR A 21 3.44 34.14 4.49
C THR A 21 3.36 34.04 2.96
N LEU A 22 2.33 33.35 2.47
CA LEU A 22 2.17 33.08 1.03
C LEU A 22 1.00 33.80 0.40
N ASN A 23 1.21 34.30 -0.82
CA ASN A 23 0.12 34.74 -1.66
C ASN A 23 0.20 33.93 -2.94
N ILE A 24 -0.81 33.11 -3.17
CA ILE A 24 -0.84 32.26 -4.35
C ILE A 24 -1.92 32.78 -5.29
N ASN A 25 -1.48 33.41 -6.38
CA ASN A 25 -2.42 34.04 -7.31
C ASN A 25 -2.58 33.21 -8.57
N ILE A 26 -3.69 32.50 -8.66
CA ILE A 26 -3.97 31.59 -9.77
C ILE A 26 -4.56 32.33 -10.97
N HIS A 27 -3.90 32.24 -12.12
CA HIS A 27 -4.42 32.85 -13.34
C HIS A 27 -4.58 31.81 -14.44
N ASP A 28 -5.08 32.22 -15.60
CA ASP A 28 -5.40 31.27 -16.67
C ASP A 28 -4.17 30.52 -17.20
N GLN A 29 -3.09 31.25 -17.42
CA GLN A 29 -1.91 30.69 -18.08
C GLN A 29 -0.74 30.45 -17.14
N GLU A 30 -0.88 30.86 -15.89
CA GLU A 30 0.21 30.81 -14.92
C GLU A 30 -0.28 31.08 -13.52
N THR A 31 0.55 30.73 -12.55
CA THR A 31 0.25 30.98 -11.15
C THR A 31 1.42 31.72 -10.54
N ILE A 32 1.13 32.86 -9.91
CA ILE A 32 2.16 33.67 -9.31
C ILE A 32 2.19 33.40 -7.80
N VAL A 33 3.37 33.08 -7.29
CA VAL A 33 3.51 32.78 -5.88
C VAL A 33 4.44 33.78 -5.25
N ARG A 34 3.88 34.57 -4.33
CA ARG A 34 4.67 35.49 -3.52
C ARG A 34 4.82 34.92 -2.14
N SER A 35 6.02 35.01 -1.60
CA SER A 35 6.35 34.38 -0.34
C SER A 35 7.25 35.27 0.49
N VAL A 36 6.87 35.47 1.75
CA VAL A 36 7.77 36.10 2.69
C VAL A 36 8.11 35.10 3.78
N LEU A 37 9.39 34.86 3.97
CA LEU A 37 9.86 33.96 5.01
C LEU A 37 10.54 34.74 6.10
N ASP A 38 9.99 34.68 7.32
CA ASP A 38 10.65 35.31 8.45
C ASP A 38 11.66 34.31 9.01
N MET A 39 12.93 34.65 8.89
CA MET A 39 13.99 33.70 9.18
C MET A 39 14.93 34.18 10.27
N ASP A 40 15.80 33.25 10.68
CA ASP A 40 16.79 33.53 11.70
C ASP A 40 18.00 32.64 11.46
N ILE A 41 19.07 32.95 12.16
CA ILE A 41 20.30 32.17 12.17
C ILE A 41 20.26 31.17 13.32
N SER A 42 20.54 29.89 13.05
CA SER A 42 20.53 28.87 14.10
C SER A 42 21.87 28.74 14.80
N LYS A 43 21.89 28.00 15.90
CA LYS A 43 23.11 27.86 16.69
C LYS A 43 24.16 27.03 15.95
N HIS A 44 23.72 26.33 14.91
CA HIS A 44 24.60 25.48 14.14
C HIS A 44 25.24 26.21 12.96
N ASN A 45 24.84 27.45 12.74
CA ASN A 45 25.33 28.24 11.61
C ASN A 45 26.83 28.52 11.70
N VAL A 46 27.53 28.42 10.57
CA VAL A 46 28.96 28.63 10.50
C VAL A 46 29.33 29.60 9.38
N GLY A 47 28.43 30.53 9.10
CA GLY A 47 28.67 31.56 8.10
C GLY A 47 28.50 31.10 6.68
N GLU A 48 27.75 30.02 6.47
CA GLU A 48 27.59 29.44 5.14
C GLU A 48 26.63 30.26 4.26
N ASP A 49 26.69 30.00 2.96
CA ASP A 49 25.71 30.56 2.02
C ASP A 49 24.31 30.12 2.44
N LEU A 50 23.32 30.96 2.18
CA LEU A 50 21.92 30.59 2.35
C LEU A 50 21.44 29.88 1.09
N VAL A 51 21.17 28.58 1.20
CA VAL A 51 20.76 27.80 0.05
C VAL A 51 19.34 27.27 0.19
N PHE A 52 18.45 27.74 -0.67
CA PHE A 52 17.08 27.23 -0.75
C PHE A 52 16.90 26.20 -1.84
N ASP A 53 16.03 25.23 -1.59
CA ASP A 53 15.54 24.38 -2.65
C ASP A 53 14.52 25.15 -3.47
N GLY A 54 14.55 24.98 -4.78
CA GLY A 54 13.57 25.61 -5.63
C GLY A 54 13.68 25.00 -7.01
N VAL A 55 12.67 24.25 -7.41
CA VAL A 55 12.77 23.45 -8.63
C VAL A 55 11.76 23.91 -9.67
N GLY A 56 12.28 24.34 -10.82
CA GLY A 56 11.43 24.72 -11.93
C GLY A 56 10.73 26.05 -11.71
N LEU A 57 11.31 26.90 -10.87
CA LEU A 57 10.68 28.17 -10.57
C LEU A 57 11.18 29.24 -11.52
N LYS A 58 10.29 30.13 -11.94
CA LYS A 58 10.67 31.29 -12.74
C LYS A 58 10.72 32.51 -11.82
N ILE A 59 11.89 33.08 -11.63
CA ILE A 59 12.04 34.19 -10.69
C ILE A 59 11.61 35.54 -11.28
N ASN A 60 10.67 36.20 -10.62
CA ASN A 60 10.37 37.60 -10.91
C ASN A 60 11.27 38.51 -10.09
N GLU A 61 11.36 38.22 -8.80
CA GLU A 61 12.28 38.95 -7.94
C GLU A 61 12.51 38.21 -6.63
N ILE A 62 13.70 38.41 -6.06
CA ILE A 62 13.93 37.97 -4.70
C ILE A 62 14.55 39.11 -3.91
N SER A 63 14.28 39.13 -2.61
CA SER A 63 14.72 40.22 -1.76
C SER A 63 15.09 39.70 -0.38
N ILE A 64 15.93 40.45 0.30
CA ILE A 64 16.19 40.24 1.71
C ILE A 64 15.92 41.57 2.41
N ASN A 65 15.03 41.54 3.41
CA ASN A 65 14.65 42.77 4.11
C ASN A 65 14.20 43.89 3.16
N ASN A 66 13.35 43.52 2.19
CA ASN A 66 12.76 44.45 1.23
C ASN A 66 13.77 45.12 0.33
N LYS A 67 14.98 44.56 0.26
CA LYS A 67 15.96 45.04 -0.69
C LYS A 67 16.17 44.02 -1.80
N LYS A 68 15.90 44.43 -3.03
CA LYS A 68 15.99 43.55 -4.19
C LYS A 68 17.41 42.97 -4.34
N LEU A 69 17.52 41.66 -4.48
CA LEU A 69 18.80 41.01 -4.75
C LEU A 69 19.04 40.94 -6.25
N VAL A 70 20.31 40.98 -6.66
CA VAL A 70 20.65 41.00 -8.08
C VAL A 70 21.37 39.71 -8.48
N GLU A 71 20.92 39.09 -9.56
CA GLU A 71 21.48 37.80 -10.01
C GLU A 71 22.93 37.90 -10.46
N GLY A 72 23.75 36.93 -10.06
CA GLY A 72 25.15 36.90 -10.42
C GLY A 72 26.04 37.44 -9.32
N GLU A 73 25.72 38.64 -8.85
CA GLU A 73 26.52 39.29 -7.82
C GLU A 73 26.17 38.79 -6.43
N GLU A 74 24.87 38.64 -6.17
CA GLU A 74 24.38 38.33 -4.84
C GLU A 74 23.72 36.95 -4.75
N TYR A 75 23.29 36.40 -5.89
CA TYR A 75 22.72 35.06 -5.87
C TYR A 75 22.83 34.37 -7.21
N THR A 76 22.85 33.04 -7.16
CA THR A 76 22.77 32.21 -8.35
C THR A 76 21.58 31.25 -8.24
N TYR A 77 20.98 30.92 -9.38
CA TYR A 77 19.88 29.96 -9.43
C TYR A 77 20.08 29.04 -10.63
N ASP A 78 20.02 27.74 -10.39
CA ASP A 78 20.29 26.76 -11.44
C ASP A 78 19.11 25.86 -11.72
N ASN A 79 17.91 26.34 -11.39
CA ASN A 79 16.65 25.59 -11.52
C ASN A 79 16.50 24.47 -10.50
N GLU A 80 17.38 24.43 -9.51
CA GLU A 80 17.31 23.42 -8.46
C GLU A 80 17.62 24.00 -7.08
N PHE A 81 18.64 24.84 -7.04
CA PHE A 81 19.07 25.49 -5.80
C PHE A 81 19.24 26.99 -6.01
N LEU A 82 18.66 27.77 -5.09
CA LEU A 82 18.90 29.19 -5.03
C LEU A 82 19.98 29.42 -3.97
N THR A 83 21.10 30.01 -4.39
CA THR A 83 22.22 30.24 -3.48
C THR A 83 22.44 31.72 -3.28
N ILE A 84 22.26 32.18 -2.05
CA ILE A 84 22.55 33.57 -1.70
C ILE A 84 23.89 33.60 -0.98
N PHE A 85 24.84 34.35 -1.52
CA PHE A 85 26.20 34.31 -1.00
C PHE A 85 26.24 34.88 0.42
N SER A 86 26.99 34.21 1.29
CA SER A 86 26.90 34.46 2.73
C SER A 86 27.16 35.92 3.11
N LYS A 87 27.94 36.63 2.30
CA LYS A 87 28.25 38.01 2.62
C LYS A 87 27.00 38.88 2.54
N PHE A 88 25.95 38.37 1.91
CA PHE A 88 24.70 39.10 1.78
C PHE A 88 23.60 38.54 2.67
N VAL A 89 23.95 37.54 3.47
CA VAL A 89 23.02 36.93 4.41
C VAL A 89 23.16 37.60 5.77
N PRO A 90 22.05 38.16 6.30
CA PRO A 90 22.07 38.85 7.58
C PRO A 90 22.55 37.95 8.72
N LYS A 91 23.07 38.54 9.79
CA LYS A 91 23.58 37.78 10.93
C LYS A 91 22.55 37.62 12.04
N SER A 92 21.41 38.30 11.90
CA SER A 92 20.32 38.15 12.86
C SER A 92 19.01 37.92 12.13
N LYS A 93 17.90 38.02 12.85
CA LYS A 93 16.57 37.81 12.26
C LYS A 93 16.38 38.67 11.02
N PHE A 94 15.91 38.04 9.95
CA PHE A 94 15.70 38.76 8.70
C PHE A 94 14.52 38.19 7.94
N ALA A 95 14.10 38.91 6.90
CA ALA A 95 13.01 38.46 6.03
C ALA A 95 13.54 38.19 4.64
N PHE A 96 13.19 37.03 4.09
CA PHE A 96 13.50 36.71 2.71
C PHE A 96 12.20 36.73 1.94
N SER A 97 12.18 37.38 0.79
CA SER A 97 10.95 37.39 0.01
C SER A 97 11.24 37.05 -1.45
N SER A 98 10.24 36.52 -2.13
CA SER A 98 10.39 36.13 -3.52
C SER A 98 9.06 36.14 -4.22
N GLU A 99 9.11 36.33 -5.54
CA GLU A 99 7.95 36.15 -6.38
C GLU A 99 8.37 35.26 -7.53
N VAL A 100 7.65 34.15 -7.70
CA VAL A 100 7.97 33.21 -8.76
C VAL A 100 6.72 32.91 -9.57
N ILE A 101 6.92 32.42 -10.77
CA ILE A 101 5.84 31.98 -11.63
C ILE A 101 5.96 30.47 -11.83
N ILE A 102 4.85 29.76 -11.63
CA ILE A 102 4.78 28.33 -11.89
C ILE A 102 3.56 28.06 -12.76
N HIS A 103 3.44 26.83 -13.26
CA HIS A 103 2.44 26.54 -14.28
C HIS A 103 1.69 25.22 -14.02
N PRO A 104 0.71 25.24 -13.11
CA PRO A 104 0.00 24.02 -12.72
C PRO A 104 -0.67 23.31 -13.91
N GLU A 105 -1.11 24.09 -14.90
CA GLU A 105 -1.86 23.54 -16.03
C GLU A 105 -1.08 22.48 -16.80
N THR A 106 0.24 22.67 -16.91
CA THR A 106 1.06 21.71 -17.66
C THR A 106 1.95 20.84 -16.77
N ASN A 107 1.65 20.86 -15.47
CA ASN A 107 2.37 20.02 -14.52
C ASN A 107 1.78 18.61 -14.46
N TYR A 108 2.18 17.76 -15.39
CA TYR A 108 1.59 16.42 -15.50
C TYR A 108 2.25 15.39 -14.61
N ALA A 109 3.28 15.82 -13.88
CA ALA A 109 3.96 14.93 -12.96
C ALA A 109 3.21 14.80 -11.63
N LEU A 110 2.27 15.73 -11.39
CA LEU A 110 1.36 15.66 -10.26
C LEU A 110 2.10 15.78 -8.91
N THR A 111 3.17 16.58 -8.93
CA THR A 111 3.89 16.93 -7.73
C THR A 111 4.06 18.46 -7.72
N GLY A 112 4.06 19.07 -6.53
CA GLY A 112 4.04 20.52 -6.47
C GLY A 112 2.60 20.99 -6.65
N LEU A 113 2.40 22.09 -7.37
CA LEU A 113 1.05 22.58 -7.63
C LEU A 113 0.63 22.16 -9.03
N TYR A 114 -0.53 21.54 -9.17
CA TYR A 114 -0.94 21.09 -10.49
C TYR A 114 -2.45 21.11 -10.68
N LYS A 115 -2.86 20.94 -11.94
CA LYS A 115 -4.27 20.97 -12.26
C LYS A 115 -4.74 19.53 -12.51
N SER A 116 -5.76 19.10 -11.79
CA SER A 116 -6.39 17.82 -12.06
C SER A 116 -7.81 18.09 -12.55
N LYS A 117 -8.00 17.92 -13.86
CA LYS A 117 -9.24 18.27 -14.52
C LYS A 117 -9.45 19.76 -14.28
N ASN A 118 -10.48 20.16 -13.54
CA ASN A 118 -10.68 21.60 -13.31
C ASN A 118 -10.41 22.01 -11.87
N ILE A 119 -9.64 21.17 -11.16
CA ILE A 119 -9.25 21.46 -9.79
C ILE A 119 -7.75 21.71 -9.70
N ILE A 120 -7.38 22.80 -9.04
CA ILE A 120 -5.99 23.09 -8.74
C ILE A 120 -5.67 22.49 -7.38
N VAL A 121 -4.62 21.70 -7.31
CA VAL A 121 -4.35 20.97 -6.10
C VAL A 121 -2.84 20.84 -5.91
N SER A 122 -2.40 20.71 -4.67
CA SER A 122 -0.97 20.54 -4.42
C SER A 122 -0.65 19.14 -3.91
N GLN A 123 0.59 18.69 -4.14
CA GLN A 123 1.09 17.49 -3.50
C GLN A 123 2.54 17.78 -3.13
N CYS A 124 2.80 17.93 -1.83
CA CYS A 124 4.13 18.38 -1.39
C CYS A 124 5.03 17.30 -0.79
N GLU A 125 4.47 16.26 -0.18
CA GLU A 125 5.35 15.18 0.29
C GLU A 125 5.95 14.50 -0.95
N ALA A 126 7.24 14.17 -0.94
CA ALA A 126 8.15 14.49 0.18
C ALA A 126 8.85 15.82 -0.04
N THR A 127 9.26 16.06 -1.29
CA THR A 127 10.07 17.23 -1.63
C THR A 127 9.41 18.04 -2.74
N GLY A 128 8.07 18.17 -2.65
CA GLY A 128 7.30 18.91 -3.63
C GLY A 128 7.07 20.38 -3.34
N PHE A 129 7.22 20.79 -2.07
CA PHE A 129 6.98 22.21 -1.74
C PHE A 129 7.97 23.11 -2.49
N ARG A 130 9.16 22.59 -2.76
CA ARG A 130 10.17 23.34 -3.48
C ARG A 130 9.80 23.59 -4.94
N ARG A 131 8.75 22.92 -5.43
CA ARG A 131 8.22 23.19 -6.77
C ARG A 131 7.19 24.31 -6.80
N ILE A 132 6.86 24.83 -5.61
CA ILE A 132 5.87 25.90 -5.48
C ILE A 132 6.57 27.22 -5.12
N THR A 133 7.51 27.15 -4.19
CA THR A 133 8.29 28.32 -3.85
C THR A 133 9.61 27.91 -3.22
N PHE A 134 10.51 28.86 -3.01
CA PHE A 134 11.80 28.57 -2.38
C PHE A 134 11.63 28.19 -0.91
N PHE A 135 12.37 27.18 -0.47
CA PHE A 135 12.28 26.79 0.94
C PHE A 135 13.48 25.92 1.30
N ILE A 136 13.75 25.79 2.59
CA ILE A 136 14.68 24.76 3.02
C ILE A 136 13.81 23.53 3.23
N ASP A 137 13.62 22.80 2.12
CA ASP A 137 12.59 21.78 1.98
C ASP A 137 12.98 20.46 2.64
N ARG A 138 12.84 20.41 3.96
CA ARG A 138 13.16 19.22 4.76
C ARG A 138 12.29 19.23 6.01
N PRO A 139 11.90 18.05 6.49
CA PRO A 139 10.80 18.03 7.47
C PRO A 139 11.19 18.54 8.85
N ASP A 140 12.46 18.76 9.14
CA ASP A 140 12.80 19.32 10.45
C ASP A 140 12.76 20.86 10.45
N MET A 141 12.41 21.46 9.31
CA MET A 141 12.25 22.93 9.25
C MET A 141 10.79 23.33 9.55
N MET A 142 10.46 23.45 10.82
CA MET A 142 9.09 23.71 11.26
C MET A 142 8.76 25.19 11.28
N ALA A 143 7.60 25.58 10.74
CA ALA A 143 7.24 26.98 10.67
C ALA A 143 5.74 27.20 10.79
N LYS A 144 5.36 28.45 11.04
CA LYS A 144 3.98 28.88 11.03
C LYS A 144 3.61 29.34 9.62
N TYR A 145 2.35 29.14 9.22
CA TYR A 145 1.93 29.42 7.85
C TYR A 145 0.72 30.35 7.78
N ASP A 146 0.85 31.42 7.00
CA ASP A 146 -0.23 32.34 6.74
C ASP A 146 -0.42 32.37 5.22
N VAL A 147 -1.53 31.84 4.72
CA VAL A 147 -1.66 31.59 3.28
C VAL A 147 -2.88 32.27 2.65
N THR A 148 -2.65 33.09 1.64
CA THR A 148 -3.74 33.69 0.90
C THR A 148 -3.77 33.12 -0.51
N VAL A 149 -4.95 32.72 -0.95
CA VAL A 149 -5.13 32.20 -2.30
C VAL A 149 -6.12 33.08 -3.06
N THR A 150 -5.82 33.43 -4.30
CA THR A 150 -6.78 34.17 -5.11
C THR A 150 -6.98 33.50 -6.46
N ALA A 151 -8.15 33.71 -7.06
CA ALA A 151 -8.52 33.00 -8.28
C ALA A 151 -9.80 33.57 -8.87
N ASP A 152 -10.04 33.24 -10.14
CA ASP A 152 -11.31 33.52 -10.78
C ASP A 152 -12.42 32.87 -9.97
N LYS A 153 -13.43 33.65 -9.60
CA LYS A 153 -14.47 33.16 -8.70
C LYS A 153 -15.36 32.13 -9.35
N GLU A 154 -15.69 32.33 -10.62
CA GLU A 154 -16.56 31.40 -11.33
C GLU A 154 -15.91 30.02 -11.48
N LYS A 155 -14.65 29.99 -11.91
CA LYS A 155 -13.93 28.72 -12.08
C LYS A 155 -13.55 28.07 -10.75
N TYR A 156 -13.23 28.90 -9.76
CA TYR A 156 -12.69 28.38 -8.50
C TYR A 156 -13.37 28.98 -7.27
N PRO A 157 -14.66 28.68 -7.04
CA PRO A 157 -15.42 29.26 -5.93
C PRO A 157 -15.03 28.70 -4.57
N VAL A 158 -14.46 27.50 -4.54
CA VAL A 158 -14.06 26.92 -3.27
C VAL A 158 -12.55 26.97 -3.16
N LEU A 159 -12.06 27.65 -2.12
CA LEU A 159 -10.64 27.81 -1.89
C LEU A 159 -10.33 27.19 -0.54
N LEU A 160 -9.29 26.36 -0.48
CA LEU A 160 -8.92 25.73 0.79
C LEU A 160 -7.41 25.70 1.01
N SER A 161 -7.00 25.82 2.27
CA SER A 161 -5.63 25.56 2.68
C SER A 161 -5.66 25.13 4.16
N ASN A 162 -4.50 24.84 4.74
CA ASN A 162 -4.43 24.49 6.17
C ASN A 162 -4.88 25.60 7.12
N GLY A 163 -5.40 25.20 8.28
CA GLY A 163 -5.69 26.13 9.34
C GLY A 163 -7.07 26.75 9.23
N ASP A 164 -7.26 27.89 9.89
CA ASP A 164 -8.55 28.56 9.89
C ASP A 164 -8.67 29.55 8.76
N LYS A 165 -9.82 29.57 8.10
CA LYS A 165 -10.10 30.61 7.12
C LYS A 165 -10.47 31.88 7.88
N VAL A 166 -9.62 32.89 7.78
CA VAL A 166 -9.81 34.07 8.61
C VAL A 166 -10.30 35.26 7.82
N ASN A 167 -10.30 35.15 6.50
CA ASN A 167 -10.87 36.18 5.65
C ASN A 167 -11.26 35.69 4.26
N GLU A 168 -12.31 36.30 3.72
CA GLU A 168 -12.75 36.05 2.35
C GLU A 168 -13.04 37.41 1.74
N PHE A 169 -12.64 37.63 0.50
CA PHE A 169 -12.79 38.95 -0.08
C PHE A 169 -12.91 38.90 -1.60
N GLU A 170 -13.63 39.87 -2.13
CA GLU A 170 -13.80 40.03 -3.57
C GLU A 170 -12.61 40.80 -4.15
N ILE A 171 -12.33 40.54 -5.42
CA ILE A 171 -11.24 41.20 -6.13
C ILE A 171 -11.75 41.68 -7.48
N PRO A 172 -11.40 42.92 -7.87
CA PRO A 172 -11.76 43.44 -9.20
C PRO A 172 -11.38 42.47 -10.32
N GLY A 173 -12.24 42.37 -11.34
CA GLY A 173 -11.97 41.49 -12.46
C GLY A 173 -12.57 40.11 -12.30
N GLY A 174 -13.54 39.98 -11.40
CA GLY A 174 -14.23 38.71 -11.21
C GLY A 174 -13.46 37.70 -10.38
N ARG A 175 -12.47 38.18 -9.63
CA ARG A 175 -11.65 37.29 -8.80
C ARG A 175 -12.09 37.32 -7.34
N HIS A 176 -11.55 36.42 -6.53
CA HIS A 176 -11.82 36.47 -5.10
C HIS A 176 -10.68 35.81 -4.35
N GLY A 177 -10.61 36.06 -3.04
CA GLY A 177 -9.52 35.54 -2.25
C GLY A 177 -9.99 34.97 -0.92
N ALA A 178 -9.19 34.08 -0.37
CA ALA A 178 -9.41 33.57 0.97
C ALA A 178 -8.07 33.49 1.69
N ARG A 179 -8.03 33.92 2.95
CA ARG A 179 -6.83 33.86 3.75
C ARG A 179 -6.97 32.81 4.83
N PHE A 180 -5.97 31.95 4.94
CA PHE A 180 -5.93 30.88 5.93
C PHE A 180 -4.75 31.05 6.88
N ASN A 181 -5.00 31.09 8.18
CA ASN A 181 -3.90 31.16 9.13
C ASN A 181 -3.79 29.89 9.96
N ASP A 182 -2.59 29.32 9.98
CA ASP A 182 -2.35 28.04 10.63
C ASP A 182 -1.19 28.20 11.62
N PRO A 183 -1.50 28.65 12.84
CA PRO A 183 -0.47 28.95 13.84
C PRO A 183 0.43 27.79 14.30
N PRO A 184 -0.10 26.56 14.49
CA PRO A 184 0.81 25.50 14.94
C PRO A 184 1.95 25.24 13.95
N LEU A 185 3.15 24.99 14.46
CA LEU A 185 4.28 24.67 13.59
C LEU A 185 4.01 23.41 12.78
N LYS A 186 4.43 23.40 11.52
CA LYS A 186 4.42 22.17 10.71
C LYS A 186 5.56 22.16 9.70
N PRO A 187 5.98 20.95 9.24
CA PRO A 187 6.91 20.86 8.12
C PRO A 187 6.24 21.21 6.82
N CYS A 188 7.01 21.63 5.83
CA CYS A 188 6.39 22.14 4.61
C CYS A 188 5.73 21.03 3.80
N TYR A 189 6.07 19.76 4.05
CA TYR A 189 5.46 18.70 3.23
C TYR A 189 3.97 18.52 3.61
N LEU A 190 3.54 19.14 4.70
CA LEU A 190 2.14 19.06 5.11
C LEU A 190 1.30 20.27 4.67
N PHE A 191 1.95 21.24 4.02
CA PHE A 191 1.22 22.32 3.37
C PHE A 191 0.33 21.79 2.26
N ALA A 192 -0.86 22.39 2.10
CA ALA A 192 -1.69 22.07 0.93
C ALA A 192 -2.59 23.24 0.56
N VAL A 193 -2.93 23.29 -0.72
CA VAL A 193 -3.91 24.24 -1.21
C VAL A 193 -4.79 23.53 -2.23
N VAL A 194 -6.06 23.91 -2.28
CA VAL A 194 -7.01 23.37 -3.23
C VAL A 194 -7.91 24.50 -3.71
N ALA A 195 -8.13 24.57 -5.03
CA ALA A 195 -9.07 25.55 -5.57
C ALA A 195 -9.92 24.86 -6.63
N GLY A 196 -11.23 25.05 -6.60
CA GLY A 196 -12.09 24.41 -7.60
C GLY A 196 -13.56 24.60 -7.38
N ASP A 197 -14.36 24.06 -8.31
CA ASP A 197 -15.83 24.13 -8.20
C ASP A 197 -16.29 22.90 -7.45
N LEU A 198 -15.94 22.83 -6.17
CA LEU A 198 -16.16 21.62 -5.38
C LEU A 198 -17.53 21.61 -4.73
N LYS A 199 -18.16 20.44 -4.69
CA LYS A 199 -19.41 20.26 -3.95
C LYS A 199 -19.08 19.38 -2.74
N HIS A 200 -19.94 19.38 -1.73
CA HIS A 200 -19.58 18.67 -0.50
C HIS A 200 -20.74 18.00 0.22
N LEU A 201 -20.39 17.04 1.07
CA LEU A 201 -21.24 16.58 2.16
C LEU A 201 -20.54 16.98 3.45
N SER A 202 -21.30 17.25 4.50
CA SER A 202 -20.65 17.61 5.77
C SER A 202 -21.40 17.06 6.97
N ALA A 203 -20.71 17.02 8.10
CA ALA A 203 -21.29 16.56 9.36
C ALA A 203 -20.54 17.20 10.52
N THR A 204 -21.12 17.17 11.71
CA THR A 204 -20.42 17.62 12.90
C THR A 204 -20.11 16.41 13.79
N TYR A 205 -18.86 16.29 14.23
CA TYR A 205 -18.44 15.25 15.15
C TYR A 205 -18.11 15.88 16.49
N ILE A 206 -18.60 15.28 17.58
CA ILE A 206 -18.29 15.76 18.93
C ILE A 206 -17.30 14.81 19.57
N THR A 207 -16.15 15.34 19.99
CA THR A 207 -15.08 14.50 20.52
C THR A 207 -15.49 13.88 21.86
N LYS A 208 -14.90 12.73 22.16
CA LYS A 208 -15.33 11.89 23.26
C LYS A 208 -15.12 12.52 24.63
N TYR A 209 -14.03 13.26 24.79
CA TYR A 209 -13.64 13.71 26.13
C TYR A 209 -13.78 15.22 26.30
N THR A 210 -13.16 15.98 25.41
CA THR A 210 -13.21 17.43 25.52
C THR A 210 -14.51 18.00 24.95
N LYS A 211 -15.29 17.15 24.28
CA LYS A 211 -16.58 17.52 23.73
C LYS A 211 -16.47 18.67 22.73
N LYS A 212 -15.36 18.73 22.01
CA LYS A 212 -15.16 19.74 20.96
C LYS A 212 -15.94 19.38 19.71
N LYS A 213 -16.62 20.38 19.13
CA LYS A 213 -17.28 20.20 17.85
C LYS A 213 -16.29 20.27 16.70
N VAL A 214 -16.21 19.20 15.91
CA VAL A 214 -15.37 19.20 14.72
C VAL A 214 -16.23 19.18 13.46
N GLU A 215 -16.00 20.13 12.55
CA GLU A 215 -16.68 20.13 11.27
C GLU A 215 -15.98 19.19 10.28
N LEU A 216 -16.73 18.22 9.75
CA LEU A 216 -16.20 17.30 8.76
C LEU A 216 -16.76 17.62 7.38
N TYR A 217 -15.89 17.83 6.40
CA TYR A 217 -16.29 18.13 5.03
C TYR A 217 -15.64 17.15 4.06
N VAL A 218 -16.43 16.57 3.16
CA VAL A 218 -15.87 15.74 2.10
C VAL A 218 -16.26 16.35 0.75
N PHE A 219 -15.28 16.54 -0.13
CA PHE A 219 -15.48 17.31 -1.37
C PHE A 219 -15.24 16.50 -2.63
N SER A 220 -15.99 16.78 -3.68
CA SER A 220 -15.65 16.25 -5.00
C SER A 220 -16.14 17.21 -6.08
N GLU A 221 -15.83 16.91 -7.33
CA GLU A 221 -16.49 17.63 -8.42
C GLU A 221 -17.98 17.33 -8.38
N GLU A 222 -18.78 18.22 -8.96
CA GLU A 222 -20.24 18.15 -8.84
C GLU A 222 -20.79 16.84 -9.38
N LYS A 223 -20.20 16.33 -10.45
CA LYS A 223 -20.69 15.11 -11.10
C LYS A 223 -20.76 13.93 -10.13
N TYR A 224 -19.83 13.90 -9.18
CA TYR A 224 -19.72 12.70 -8.34
C TYR A 224 -20.02 12.95 -6.88
N VAL A 225 -20.71 14.05 -6.58
CA VAL A 225 -21.02 14.39 -5.20
C VAL A 225 -21.86 13.30 -4.50
N SER A 226 -22.63 12.54 -5.27
CA SER A 226 -23.42 11.44 -4.72
C SER A 226 -22.59 10.23 -4.30
N LYS A 227 -21.28 10.27 -4.53
CA LYS A 227 -20.42 9.16 -4.15
C LYS A 227 -19.60 9.45 -2.88
N LEU A 228 -20.02 10.46 -2.11
CA LEU A 228 -19.23 10.92 -0.97
C LEU A 228 -19.63 10.31 0.38
N GLN A 229 -20.78 9.66 0.45
CA GLN A 229 -21.35 9.24 1.74
C GLN A 229 -20.50 8.27 2.54
N TRP A 230 -20.02 7.22 1.88
CA TRP A 230 -19.26 6.19 2.60
C TRP A 230 -17.99 6.80 3.21
N ALA A 231 -17.34 7.70 2.47
CA ALA A 231 -16.12 8.35 2.95
C ALA A 231 -16.38 9.07 4.26
N LEU A 232 -17.48 9.82 4.31
CA LEU A 232 -17.83 10.58 5.50
C LEU A 232 -18.07 9.62 6.67
N GLU A 233 -18.78 8.52 6.41
CA GLU A 233 -18.95 7.48 7.43
C GLU A 233 -17.63 6.92 7.92
N CYS A 234 -16.71 6.65 6.98
CA CYS A 234 -15.42 6.10 7.32
C CYS A 234 -14.62 7.05 8.22
N LEU A 235 -14.73 8.34 7.94
CA LEU A 235 -14.02 9.33 8.73
C LEU A 235 -14.55 9.34 10.15
N LYS A 236 -15.87 9.28 10.30
CA LYS A 236 -16.46 9.25 11.63
C LYS A 236 -16.00 8.00 12.38
N LYS A 237 -15.95 6.89 11.66
CA LYS A 237 -15.47 5.63 12.23
C LYS A 237 -14.02 5.73 12.71
N SER A 238 -13.20 6.41 11.92
CA SER A 238 -11.77 6.56 12.21
C SER A 238 -11.57 7.35 13.49
N MET A 239 -12.31 8.45 13.59
CA MET A 239 -12.19 9.34 14.74
C MET A 239 -12.59 8.60 16.00
N ALA A 240 -13.69 7.85 15.93
CA ALA A 240 -14.17 7.08 17.07
C ALA A 240 -13.14 6.03 17.51
N PHE A 241 -12.50 5.35 16.55
CA PHE A 241 -11.53 4.33 16.89
C PHE A 241 -10.28 4.90 17.56
N ASP A 242 -9.78 6.03 17.06
CA ASP A 242 -8.59 6.63 17.68
C ASP A 242 -8.94 7.02 19.11
N GLU A 243 -10.18 7.49 19.31
CA GLU A 243 -10.66 7.80 20.65
C GLU A 243 -10.76 6.55 21.52
N ASP A 244 -11.37 5.49 20.98
CA ASP A 244 -11.68 4.30 21.78
C ASP A 244 -10.46 3.43 22.06
N TYR A 245 -9.60 3.25 21.07
CA TYR A 245 -8.46 2.36 21.27
C TYR A 245 -7.28 3.10 21.88
N PHE A 246 -6.97 4.28 21.34
CA PHE A 246 -5.78 5.00 21.77
C PHE A 246 -6.04 6.19 22.67
N GLY A 247 -7.31 6.54 22.89
CA GLY A 247 -7.64 7.67 23.74
C GLY A 247 -7.26 9.01 23.12
N LEU A 248 -7.19 9.05 21.79
CA LEU A 248 -6.74 10.24 21.07
C LEU A 248 -7.87 10.98 20.35
N GLU A 249 -8.01 12.28 20.62
CA GLU A 249 -9.03 13.10 19.97
C GLU A 249 -8.45 14.04 18.92
N TYR A 250 -9.27 14.41 17.94
CA TYR A 250 -8.84 15.36 16.93
C TYR A 250 -8.77 16.75 17.57
N ASP A 251 -7.75 17.53 17.18
CA ASP A 251 -7.44 18.77 17.89
C ASP A 251 -7.83 20.05 17.13
N LEU A 252 -8.29 19.90 15.90
CA LEU A 252 -8.63 21.06 15.08
C LEU A 252 -10.15 21.19 14.95
N SER A 253 -10.62 22.36 14.52
CA SER A 253 -12.07 22.57 14.49
C SER A 253 -12.69 22.03 13.19
N ARG A 254 -11.86 21.70 12.20
CA ARG A 254 -12.37 21.24 10.92
C ARG A 254 -11.43 20.27 10.26
N LEU A 255 -11.99 19.31 9.53
CA LEU A 255 -11.19 18.40 8.72
C LEU A 255 -11.84 18.28 7.34
N ASN A 256 -11.08 18.62 6.31
CA ASN A 256 -11.52 18.48 4.93
C ASN A 256 -10.89 17.28 4.24
N LEU A 257 -11.70 16.52 3.52
CA LEU A 257 -11.22 15.48 2.60
C LEU A 257 -11.62 15.88 1.19
N VAL A 258 -10.68 15.82 0.25
CA VAL A 258 -10.96 16.27 -1.11
C VAL A 258 -10.53 15.20 -2.11
N ALA A 259 -11.45 14.81 -3.01
CA ALA A 259 -11.13 13.86 -4.07
C ALA A 259 -10.73 14.57 -5.36
N VAL A 260 -9.63 14.13 -5.96
CA VAL A 260 -9.24 14.60 -7.30
C VAL A 260 -8.97 13.40 -8.20
N SER A 261 -9.11 13.62 -9.50
CA SER A 261 -9.03 12.54 -10.47
C SER A 261 -7.61 12.09 -10.79
N ASP A 262 -6.65 13.01 -10.69
CA ASP A 262 -5.26 12.69 -11.02
C ASP A 262 -4.40 12.72 -9.78
N PHE A 263 -3.92 11.55 -9.35
CA PHE A 263 -3.12 11.45 -8.13
C PHE A 263 -2.16 10.27 -8.24
N ASN A 264 -0.93 10.44 -7.76
CA ASN A 264 0.08 9.40 -7.95
C ASN A 264 -0.11 8.21 -7.04
N VAL A 265 -0.72 8.44 -5.87
CA VAL A 265 -0.88 7.37 -4.90
C VAL A 265 -2.33 7.33 -4.43
N GLY A 266 -2.59 6.78 -3.25
CA GLY A 266 -3.95 6.70 -2.75
C GLY A 266 -4.47 8.01 -2.17
N ALA A 267 -3.70 8.59 -1.26
CA ALA A 267 -4.08 9.87 -0.62
C ALA A 267 -2.91 10.46 0.14
N MET A 268 -3.13 11.63 0.72
CA MET A 268 -2.08 12.40 1.37
C MET A 268 -2.64 13.11 2.61
N GLU A 269 -1.89 13.09 3.71
CA GLU A 269 -2.40 13.53 5.01
C GLU A 269 -2.16 15.01 5.37
N ASN A 270 -2.20 15.92 4.39
CA ASN A 270 -2.00 17.34 4.70
C ASN A 270 -2.90 17.80 5.84
N LYS A 271 -2.35 18.55 6.80
CA LYS A 271 -3.06 18.85 8.05
C LYS A 271 -4.38 19.56 7.82
N GLY A 272 -5.46 18.92 8.26
CA GLY A 272 -6.80 19.47 8.13
C GLY A 272 -7.34 19.50 6.71
N LEU A 273 -6.53 19.06 5.76
CA LEU A 273 -6.88 19.09 4.33
C LEU A 273 -6.36 17.85 3.63
N ASN A 274 -6.98 16.70 3.87
CA ASN A 274 -6.47 15.46 3.30
C ASN A 274 -6.92 15.36 1.84
N ILE A 275 -6.00 15.02 0.95
CA ILE A 275 -6.31 14.99 -0.47
C ILE A 275 -6.19 13.55 -0.98
N PHE A 276 -7.16 13.12 -1.78
CA PHE A 276 -7.35 11.72 -2.16
C PHE A 276 -7.40 11.52 -3.65
N ASN A 277 -6.73 10.47 -4.13
CA ASN A 277 -7.13 9.85 -5.38
C ASN A 277 -8.63 9.58 -5.29
N ALA A 278 -9.39 10.02 -6.29
CA ALA A 278 -10.82 9.75 -6.29
C ALA A 278 -11.14 8.27 -6.12
N ASN A 279 -10.28 7.37 -6.61
CA ASN A 279 -10.60 5.94 -6.46
C ASN A 279 -10.46 5.44 -5.01
N SER A 280 -9.95 6.29 -4.13
CA SER A 280 -9.82 5.90 -2.73
C SER A 280 -10.67 6.75 -1.80
N LEU A 281 -11.61 7.52 -2.37
CA LEU A 281 -12.56 8.30 -1.58
C LEU A 281 -14.01 8.11 -2.04
N LEU A 282 -14.23 7.98 -3.34
CA LEU A 282 -15.59 7.96 -3.90
C LEU A 282 -16.11 6.55 -4.18
N ALA A 283 -17.35 6.29 -3.75
CA ALA A 283 -18.03 5.06 -4.12
C ALA A 283 -19.54 5.21 -4.09
N SER A 284 -20.22 4.38 -4.87
CA SER A 284 -21.65 4.19 -4.73
C SER A 284 -21.93 2.73 -5.09
N LYS A 285 -23.01 2.17 -4.59
CA LYS A 285 -23.24 0.75 -4.82
C LYS A 285 -23.53 0.45 -6.29
N LYS A 286 -24.04 1.44 -7.02
CA LYS A 286 -24.35 1.27 -8.43
C LYS A 286 -23.10 1.37 -9.31
N ASN A 287 -22.13 2.14 -8.86
CA ASN A 287 -20.99 2.50 -9.70
C ASN A 287 -19.63 2.06 -9.18
N SER A 288 -19.60 1.19 -8.18
CA SER A 288 -18.32 0.77 -7.62
C SER A 288 -18.31 -0.72 -7.39
N ILE A 289 -17.14 -1.35 -7.54
CA ILE A 289 -17.04 -2.75 -7.15
C ILE A 289 -16.86 -2.82 -5.63
N ASP A 290 -17.13 -4.00 -5.08
CA ASP A 290 -17.04 -4.19 -3.64
C ASP A 290 -15.70 -3.75 -3.01
N PHE A 291 -14.59 -4.00 -3.70
CA PHE A 291 -13.26 -3.69 -3.17
CA PHE A 291 -13.26 -3.68 -3.21
C PHE A 291 -13.12 -2.23 -2.77
N SER A 292 -13.87 -1.34 -3.45
CA SER A 292 -13.81 0.09 -3.14
C SER A 292 -14.12 0.41 -1.69
N TYR A 293 -15.00 -0.38 -1.07
CA TYR A 293 -15.48 -0.03 0.25
C TYR A 293 -14.40 -0.26 1.31
N ALA A 294 -13.69 -1.39 1.26
CA ALA A 294 -12.55 -1.58 2.16
C ALA A 294 -11.41 -0.63 1.82
N ARG A 295 -11.25 -0.30 0.54
CA ARG A 295 -10.19 0.61 0.11
C ARG A 295 -10.40 1.99 0.74
N ILE A 296 -11.61 2.52 0.63
CA ILE A 296 -11.92 3.85 1.19
C ILE A 296 -11.78 3.82 2.71
N LEU A 297 -12.26 2.74 3.34
CA LEU A 297 -12.15 2.61 4.79
C LEU A 297 -10.67 2.67 5.20
N THR A 298 -9.84 1.94 4.48
CA THR A 298 -8.40 1.89 4.72
C THR A 298 -7.74 3.24 4.54
N VAL A 299 -8.03 3.89 3.42
CA VAL A 299 -7.27 5.08 3.07
C VAL A 299 -7.73 6.28 3.89
N VAL A 300 -9.04 6.41 4.07
CA VAL A 300 -9.54 7.45 4.95
C VAL A 300 -8.98 7.25 6.37
N GLY A 301 -9.04 6.02 6.86
CA GLY A 301 -8.52 5.71 8.18
C GLY A 301 -7.04 6.06 8.27
N HIS A 302 -6.28 5.62 7.28
CA HIS A 302 -4.84 5.86 7.26
C HIS A 302 -4.49 7.36 7.35
N GLU A 303 -5.09 8.18 6.49
CA GLU A 303 -4.76 9.60 6.53
C GLU A 303 -5.22 10.24 7.85
N TYR A 304 -6.32 9.76 8.43
CA TYR A 304 -6.76 10.31 9.71
C TYR A 304 -5.77 9.97 10.83
N PHE A 305 -5.29 8.73 10.83
CA PHE A 305 -4.40 8.30 11.91
C PHE A 305 -3.04 9.01 11.84
N HIS A 306 -2.67 9.50 10.66
CA HIS A 306 -1.49 10.35 10.53
C HIS A 306 -1.57 11.61 11.40
N GLN A 307 -2.78 12.05 11.76
CA GLN A 307 -2.87 13.34 12.46
C GLN A 307 -2.03 13.30 13.74
N TYR A 308 -1.97 12.13 14.38
CA TYR A 308 -1.00 11.92 15.47
C TYR A 308 0.34 11.37 15.00
N THR A 309 0.31 10.25 14.30
CA THR A 309 1.54 9.56 13.91
C THR A 309 1.99 10.06 12.52
N GLY A 310 2.60 11.24 12.53
CA GLY A 310 3.09 11.88 11.31
C GLY A 310 2.92 13.38 11.36
N ASN A 311 1.76 13.85 11.84
CA ASN A 311 1.48 15.28 11.82
C ASN A 311 1.82 15.94 13.15
N ARG A 312 1.25 15.46 14.25
CA ARG A 312 1.58 16.02 15.56
C ARG A 312 2.95 15.54 16.04
N VAL A 313 3.25 14.26 15.84
CA VAL A 313 4.62 13.77 16.00
C VAL A 313 5.19 13.59 14.58
N THR A 314 6.18 14.41 14.22
CA THR A 314 6.69 14.37 12.84
CA THR A 314 6.72 14.41 12.85
C THR A 314 8.06 13.69 12.73
N LEU A 315 8.65 13.77 11.54
CA LEU A 315 9.91 13.09 11.26
C LEU A 315 11.08 14.08 11.29
N ARG A 316 12.19 13.64 11.85
CA ARG A 316 13.41 14.44 11.83
C ARG A 316 13.97 14.60 10.43
N ASP A 317 13.88 13.52 9.67
CA ASP A 317 14.45 13.42 8.33
C ASP A 317 13.75 12.27 7.63
N TRP A 318 13.96 12.15 6.32
CA TRP A 318 13.18 11.19 5.54
C TRP A 318 13.58 9.75 5.79
N PHE A 319 14.76 9.51 6.36
CA PHE A 319 15.15 8.14 6.66
C PHE A 319 14.25 7.54 7.73
N GLN A 320 13.56 8.39 8.49
CA GLN A 320 12.62 7.93 9.50
C GLN A 320 11.23 7.66 8.94
N LEU A 321 11.07 7.58 7.62
CA LEU A 321 9.75 7.45 7.02
C LEU A 321 8.89 6.32 7.62
N THR A 322 9.51 5.17 7.89
CA THR A 322 8.73 4.04 8.38
C THR A 322 8.14 4.35 9.77
N LEU A 323 8.76 5.28 10.49
CA LEU A 323 8.23 5.68 11.80
C LEU A 323 6.81 6.26 11.70
N LYS A 324 6.52 7.01 10.63
CA LYS A 324 5.14 7.46 10.46
C LYS A 324 4.37 6.51 9.55
N GLU A 325 5.02 5.89 8.56
CA GLU A 325 4.24 5.07 7.65
C GLU A 325 3.99 3.66 8.18
N GLY A 326 5.02 2.98 8.67
CA GLY A 326 4.80 1.67 9.27
C GLY A 326 3.82 1.74 10.44
N LEU A 327 3.93 2.79 11.23
CA LEU A 327 3.10 2.92 12.41
C LEU A 327 1.66 3.25 12.01
N THR A 328 1.50 4.10 10.99
CA THR A 328 0.16 4.49 10.58
C THR A 328 -0.54 3.34 9.85
N VAL A 329 0.21 2.56 9.06
CA VAL A 329 -0.38 1.37 8.44
C VAL A 329 -0.84 0.39 9.52
N HIS A 330 -0.03 0.21 10.56
CA HIS A 330 -0.38 -0.65 11.67
C HIS A 330 -1.66 -0.17 12.35
N ARG A 331 -1.77 1.13 12.57
CA ARG A 331 -2.97 1.70 13.18
C ARG A 331 -4.20 1.51 12.30
N GLU A 332 -4.02 1.69 11.00
CA GLU A 332 -5.09 1.44 10.03
C GLU A 332 -5.49 -0.05 9.98
N ASN A 333 -4.53 -0.94 10.16
CA ASN A 333 -4.85 -2.37 10.19
C ASN A 333 -5.66 -2.74 11.44
N LEU A 334 -5.29 -2.20 12.60
CA LEU A 334 -6.07 -2.42 13.82
C LEU A 334 -7.50 -1.95 13.61
N PHE A 335 -7.62 -0.78 13.00
CA PHE A 335 -8.90 -0.13 12.71
C PHE A 335 -9.77 -0.97 11.78
N SER A 336 -9.20 -1.36 10.65
CA SER A 336 -9.95 -2.12 9.66
C SER A 336 -10.35 -3.49 10.16
N GLU A 337 -9.45 -4.15 10.90
CA GLU A 337 -9.81 -5.43 11.49
C GLU A 337 -11.02 -5.29 12.41
N GLU A 338 -11.05 -4.22 13.20
CA GLU A 338 -12.16 -3.97 14.13
C GLU A 338 -13.44 -3.57 13.38
N MET A 339 -13.31 -2.84 12.28
CA MET A 339 -14.52 -2.40 11.56
C MET A 339 -15.15 -3.53 10.75
N THR A 340 -14.34 -4.35 10.10
CA THR A 340 -14.85 -5.37 9.19
C THR A 340 -15.32 -6.61 9.94
N LYS A 341 -14.68 -6.90 11.07
CA LYS A 341 -14.96 -8.12 11.84
C LYS A 341 -14.90 -9.39 10.96
N THR A 342 -13.99 -9.41 10.00
CA THR A 342 -13.79 -10.58 9.16
C THR A 342 -12.34 -11.01 9.26
N VAL A 343 -12.07 -12.31 9.30
CA VAL A 343 -10.67 -12.78 9.37
C VAL A 343 -9.92 -12.48 8.08
N THR A 344 -10.63 -12.32 6.97
CA THR A 344 -9.96 -12.03 5.70
C THR A 344 -9.24 -10.68 5.65
N THR A 345 -9.57 -9.76 6.55
CA THR A 345 -8.86 -8.49 6.58
C THR A 345 -7.38 -8.72 6.89
N ARG A 346 -7.10 -9.46 7.96
CA ARG A 346 -5.71 -9.73 8.34
C ARG A 346 -5.07 -10.61 7.28
N LEU A 347 -5.82 -11.60 6.79
CA LEU A 347 -5.26 -12.52 5.80
C LEU A 347 -4.88 -11.78 4.52
N SER A 348 -5.67 -10.78 4.13
CA SER A 348 -5.36 -10.05 2.91
C SER A 348 -4.04 -9.28 3.05
N HIS A 349 -3.77 -8.74 4.23
CA HIS A 349 -2.52 -8.02 4.49
CA HIS A 349 -2.51 -8.01 4.44
C HIS A 349 -1.32 -8.97 4.42
N VAL A 350 -1.47 -10.14 5.02
CA VAL A 350 -0.39 -11.13 4.99
C VAL A 350 -0.12 -11.60 3.56
N ASP A 351 -1.21 -11.85 2.83
CA ASP A 351 -1.13 -12.30 1.44
C ASP A 351 -0.31 -11.31 0.61
N LEU A 352 -0.57 -10.03 0.85
CA LEU A 352 0.15 -8.97 0.15
C LEU A 352 1.61 -8.90 0.59
N LEU A 353 1.87 -9.00 1.88
CA LEU A 353 3.25 -8.98 2.38
C LEU A 353 4.08 -10.12 1.78
N ARG A 354 3.56 -11.34 1.85
CA ARG A 354 4.36 -12.51 1.48
C ARG A 354 4.50 -12.68 -0.02
N SER A 355 3.70 -11.94 -0.78
CA SER A 355 3.86 -11.97 -2.22
C SER A 355 4.74 -10.78 -2.62
N VAL A 356 4.17 -9.60 -2.56
CA VAL A 356 4.83 -8.39 -3.05
C VAL A 356 6.05 -7.95 -2.23
N GLN A 357 5.92 -7.86 -0.91
CA GLN A 357 7.05 -7.38 -0.12
C GLN A 357 8.17 -8.41 -0.04
N PHE A 358 7.85 -9.70 0.11
CA PHE A 358 8.91 -10.72 0.13
C PHE A 358 9.68 -10.72 -1.18
N LEU A 359 8.98 -10.52 -2.28
CA LEU A 359 9.64 -10.44 -3.58
C LEU A 359 10.63 -9.27 -3.63
N GLU A 360 10.18 -8.10 -3.18
CA GLU A 360 11.06 -6.94 -3.09
C GLU A 360 12.29 -7.25 -2.22
N ASP A 361 12.07 -7.95 -1.10
CA ASP A 361 13.14 -8.18 -0.13
C ASP A 361 14.14 -9.24 -0.61
N SER A 362 13.79 -10.03 -1.63
CA SER A 362 14.77 -10.96 -2.19
C SER A 362 15.30 -10.48 -3.55
N SER A 363 14.89 -9.27 -3.95
CA SER A 363 15.30 -8.65 -5.22
C SER A 363 16.55 -7.79 -5.02
N PRO A 364 17.19 -7.36 -6.13
CA PRO A 364 18.31 -6.42 -6.03
C PRO A 364 17.91 -5.10 -5.35
N LEU A 365 16.61 -4.86 -5.23
CA LEU A 365 16.13 -3.62 -4.59
C LEU A 365 16.04 -3.72 -3.07
N SER A 366 16.30 -4.91 -2.53
CA SER A 366 16.12 -5.14 -1.08
C SER A 366 16.77 -4.06 -0.19
N HIS A 367 16.00 -3.58 0.76
CA HIS A 367 16.46 -2.57 1.71
C HIS A 367 15.80 -2.79 3.05
N PRO A 368 16.41 -2.27 4.13
CA PRO A 368 15.71 -2.37 5.41
C PRO A 368 14.62 -1.32 5.52
N ILE A 369 13.77 -1.40 6.54
CA ILE A 369 12.65 -0.48 6.62
C ILE A 369 13.16 0.93 6.94
N ARG A 370 14.38 1.03 7.47
CA ARG A 370 15.08 2.33 7.55
C ARG A 370 16.37 2.29 6.73
N PRO A 371 16.28 2.67 5.45
CA PRO A 371 17.43 2.58 4.55
C PRO A 371 18.58 3.48 4.97
N GLU A 372 19.77 3.19 4.47
CA GLU A 372 20.96 3.94 4.82
C GLU A 372 21.20 5.11 3.87
N SER A 373 20.53 5.09 2.73
CA SER A 373 20.75 6.09 1.71
C SER A 373 19.58 6.17 0.74
N TYR A 374 19.50 7.28 0.00
CA TYR A 374 18.56 7.40 -1.11
C TYR A 374 19.07 8.40 -2.14
N VAL A 375 18.59 8.26 -3.36
CA VAL A 375 18.84 9.25 -4.41
C VAL A 375 17.52 9.95 -4.73
N SER A 376 16.47 9.14 -4.86
CA SER A 376 15.15 9.66 -5.19
C SER A 376 14.17 9.45 -4.05
N MET A 377 13.62 10.53 -3.49
CA MET A 377 12.61 10.36 -2.44
C MET A 377 11.33 9.80 -3.04
N GLU A 378 11.08 10.09 -4.31
CA GLU A 378 9.85 9.63 -4.95
C GLU A 378 9.84 8.11 -5.12
N ASN A 379 11.02 7.50 -5.08
CA ASN A 379 11.12 6.03 -5.15
C ASN A 379 11.23 5.36 -3.79
N PHE A 380 11.17 6.15 -2.72
CA PHE A 380 11.43 5.69 -1.36
C PHE A 380 10.22 5.04 -0.69
N TYR A 381 9.05 5.28 -1.26
CA TYR A 381 7.78 4.89 -0.65
C TYR A 381 7.41 3.47 -1.05
N THR A 382 8.07 2.51 -0.41
CA THR A 382 8.02 1.12 -0.84
C THR A 382 7.18 0.23 0.05
N THR A 383 6.82 -0.93 -0.47
CA THR A 383 6.11 -1.91 0.33
C THR A 383 6.97 -2.36 1.52
N THR A 384 8.28 -2.30 1.40
CA THR A 384 9.13 -2.64 2.54
C THR A 384 8.91 -1.61 3.66
N VAL A 385 9.04 -0.33 3.33
CA VAL A 385 8.88 0.72 4.35
C VAL A 385 7.48 0.73 4.97
N TYR A 386 6.47 0.48 4.14
CA TYR A 386 5.07 0.52 4.56
C TYR A 386 4.61 -0.77 5.23
N ASP A 387 4.75 -1.87 4.50
CA ASP A 387 4.09 -3.12 4.91
C ASP A 387 4.97 -3.95 5.84
N LYS A 388 6.26 -4.11 5.53
CA LYS A 388 7.12 -4.74 6.53
C LYS A 388 7.24 -3.78 7.72
N GLY A 389 7.29 -2.47 7.45
CA GLY A 389 7.24 -1.51 8.55
C GLY A 389 6.05 -1.73 9.47
N SER A 390 4.87 -1.96 8.90
CA SER A 390 3.69 -2.15 9.73
C SER A 390 3.80 -3.45 10.52
N GLU A 391 4.41 -4.48 9.95
CA GLU A 391 4.57 -5.75 10.69
C GLU A 391 5.55 -5.59 11.84
N VAL A 392 6.59 -4.78 11.63
CA VAL A 392 7.51 -4.47 12.72
C VAL A 392 6.82 -3.66 13.83
N MET A 393 5.92 -2.77 13.45
CA MET A 393 5.18 -1.99 14.45
C MET A 393 4.19 -2.91 15.17
N ARG A 394 3.61 -3.84 14.43
CA ARG A 394 2.67 -4.79 15.03
C ARG A 394 3.34 -5.74 16.01
N MET A 395 4.59 -6.13 15.76
CA MET A 395 5.26 -7.06 16.66
C MET A 395 5.38 -6.49 18.07
N TYR A 396 5.52 -5.18 18.20
CA TYR A 396 5.53 -4.58 19.54
C TYR A 396 4.26 -4.91 20.31
N LEU A 397 3.12 -4.85 19.61
CA LEU A 397 1.83 -5.18 20.22
C LEU A 397 1.75 -6.67 20.60
N THR A 398 2.25 -7.52 19.71
CA THR A 398 2.32 -8.95 20.01
C THR A 398 3.19 -9.25 21.23
N ILE A 399 4.34 -8.58 21.31
CA ILE A 399 5.29 -8.77 22.41
C ILE A 399 4.76 -8.23 23.73
N LEU A 400 4.14 -7.05 23.69
CA LEU A 400 3.75 -6.37 24.93
C LEU A 400 2.36 -6.76 25.42
N GLY A 401 1.49 -7.16 24.51
CA GLY A 401 0.09 -7.35 24.83
C GLY A 401 -0.63 -6.02 24.77
N GLU A 402 -1.95 -6.06 24.62
CA GLU A 402 -2.72 -4.85 24.38
C GLU A 402 -2.54 -3.78 25.47
N GLU A 403 -2.61 -4.17 26.73
CA GLU A 403 -2.53 -3.19 27.82
C GLU A 403 -1.20 -2.44 27.86
N TYR A 404 -0.09 -3.17 27.81
CA TYR A 404 1.21 -2.53 27.89
C TYR A 404 1.59 -1.86 26.56
N TYR A 405 1.06 -2.35 25.45
CA TYR A 405 1.29 -1.68 24.17
C TYR A 405 0.67 -0.29 24.22
N LYS A 406 -0.58 -0.22 24.69
CA LYS A 406 -1.26 1.07 24.80
C LYS A 406 -0.50 2.00 25.73
N LYS A 407 0.12 1.43 26.77
CA LYS A 407 0.90 2.24 27.69
C LYS A 407 2.15 2.79 27.02
N GLY A 408 2.84 1.94 26.27
CA GLY A 408 4.01 2.39 25.52
C GLY A 408 3.67 3.43 24.46
N PHE A 409 2.56 3.22 23.77
CA PHE A 409 2.19 4.10 22.67
C PHE A 409 1.89 5.49 23.24
N ASP A 410 1.20 5.52 24.37
CA ASP A 410 0.89 6.81 25.01
C ASP A 410 2.15 7.52 25.50
N ILE A 411 3.12 6.76 25.99
CA ILE A 411 4.43 7.32 26.33
C ILE A 411 5.07 8.00 25.11
N TYR A 412 5.01 7.32 23.97
CA TYR A 412 5.54 7.87 22.72
C TYR A 412 4.85 9.17 22.35
N ILE A 413 3.53 9.18 22.42
CA ILE A 413 2.76 10.35 22.02
C ILE A 413 2.99 11.50 22.99
N LYS A 414 2.96 11.20 24.29
CA LYS A 414 3.10 12.26 25.29
C LYS A 414 4.47 12.95 25.22
N LYS A 415 5.52 12.15 25.02
CA LYS A 415 6.87 12.69 25.07
C LYS A 415 7.26 13.44 23.79
N ASN A 416 6.67 13.05 22.66
CA ASN A 416 7.11 13.57 21.37
C ASN A 416 6.10 14.45 20.63
N ASP A 417 4.91 14.62 21.23
CA ASP A 417 3.85 15.45 20.65
C ASP A 417 4.38 16.86 20.37
N GLY A 418 4.21 17.32 19.14
CA GLY A 418 4.61 18.66 18.76
C GLY A 418 6.05 18.76 18.28
N ASN A 419 6.73 17.63 18.22
CA ASN A 419 8.15 17.60 17.88
C ASN A 419 8.48 16.60 16.77
N THR A 420 9.70 16.67 16.24
CA THR A 420 10.21 15.62 15.34
C THR A 420 10.61 14.40 16.16
N ALA A 421 10.64 13.23 15.53
CA ALA A 421 11.08 12.02 16.21
C ALA A 421 11.87 11.09 15.28
N THR A 422 12.52 10.11 15.86
CA THR A 422 13.25 9.09 15.10
C THR A 422 12.74 7.71 15.50
N CYS A 423 13.13 6.67 14.76
CA CYS A 423 12.71 5.32 15.10
C CYS A 423 13.17 4.91 16.49
N GLU A 424 14.32 5.41 16.92
CA GLU A 424 14.81 5.11 18.27
C GLU A 424 13.88 5.63 19.37
N ASP A 425 13.22 6.76 19.12
CA ASP A 425 12.30 7.33 20.11
C ASP A 425 11.14 6.37 20.36
N PHE A 426 10.64 5.77 19.27
CA PHE A 426 9.54 4.83 19.42
C PHE A 426 10.00 3.58 20.13
N ASN A 427 11.18 3.08 19.76
CA ASN A 427 11.68 1.89 20.39
C ASN A 427 11.86 2.13 21.88
N TYR A 428 12.34 3.32 22.21
CA TYR A 428 12.54 3.71 23.61
C TYR A 428 11.22 3.67 24.40
N ALA A 429 10.17 4.21 23.81
CA ALA A 429 8.85 4.20 24.43
C ALA A 429 8.36 2.78 24.66
N MET A 430 8.52 1.93 23.64
CA MET A 430 8.11 0.54 23.77
C MET A 430 8.93 -0.18 24.84
N GLU A 431 10.21 0.16 24.91
CA GLU A 431 11.10 -0.44 25.89
C GLU A 431 10.64 -0.14 27.32
N GLN A 432 10.14 1.07 27.56
CA GLN A 432 9.66 1.43 28.90
C GLN A 432 8.52 0.51 29.28
N ALA A 433 7.62 0.26 28.33
CA ALA A 433 6.50 -0.64 28.54
C ALA A 433 6.99 -2.07 28.73
N TYR A 434 8.08 -2.41 28.06
CA TYR A 434 8.66 -3.76 28.14
C TYR A 434 9.20 -4.00 29.55
N LYS A 435 9.92 -3.01 30.06
CA LYS A 435 10.44 -3.08 31.43
C LYS A 435 9.31 -3.27 32.42
N MET A 436 8.24 -2.49 32.24
CA MET A 436 7.07 -2.58 33.10
C MET A 436 6.48 -3.98 33.04
N LYS A 437 6.31 -4.49 31.83
CA LYS A 437 5.74 -5.83 31.63
C LYS A 437 6.59 -6.94 32.25
N LYS A 438 7.90 -6.89 32.04
CA LYS A 438 8.79 -7.95 32.53
C LYS A 438 9.14 -7.76 34.00
N ALA A 439 8.68 -6.64 34.57
CA ALA A 439 8.91 -6.30 35.95
C ALA A 439 10.40 -6.28 36.30
N ASP A 440 11.22 -5.74 35.40
CA ASP A 440 12.59 -5.37 35.77
C ASP A 440 13.18 -4.33 34.84
N ASN A 441 13.74 -3.30 35.44
CA ASN A 441 14.37 -2.20 34.71
C ASN A 441 15.63 -2.61 33.96
N SER A 442 15.97 -3.89 34.05
CA SER A 442 17.13 -4.42 33.33
C SER A 442 16.75 -4.81 31.90
N ALA A 443 15.47 -5.13 31.69
CA ALA A 443 14.99 -5.55 30.38
C ALA A 443 15.20 -4.46 29.34
N ASN A 444 15.48 -4.85 28.10
CA ASN A 444 15.65 -3.87 27.04
C ASN A 444 15.30 -4.43 25.66
N LEU A 445 15.19 -3.53 24.69
CA LEU A 445 14.83 -3.88 23.33
C LEU A 445 15.92 -3.48 22.35
N ASN A 446 17.17 -3.50 22.81
CA ASN A 446 18.29 -3.10 21.98
C ASN A 446 18.35 -3.96 20.72
N GLN A 447 18.15 -5.27 20.89
CA GLN A 447 18.17 -6.20 19.75
C GLN A 447 17.03 -5.92 18.79
N TYR A 448 15.91 -5.43 19.31
CA TYR A 448 14.76 -5.15 18.45
C TYR A 448 15.10 -4.14 17.34
N LEU A 449 16.04 -3.24 17.60
CA LEU A 449 16.42 -2.23 16.62
C LEU A 449 16.92 -2.82 15.30
N LEU A 450 17.40 -4.05 15.34
CA LEU A 450 17.86 -4.72 14.11
C LEU A 450 16.73 -4.85 13.07
N TRP A 451 15.47 -4.90 13.53
CA TRP A 451 14.36 -4.89 12.59
C TRP A 451 14.33 -3.63 11.73
N PHE A 452 14.95 -2.55 12.20
CA PHE A 452 14.98 -1.32 11.42
C PHE A 452 16.15 -1.27 10.45
N SER A 453 17.23 -1.95 10.81
CA SER A 453 18.49 -1.81 10.05
C SER A 453 18.81 -3.00 9.15
N GLN A 454 18.25 -4.17 9.46
CA GLN A 454 18.62 -5.38 8.72
C GLN A 454 17.62 -5.68 7.60
N SER A 455 18.13 -5.87 6.39
CA SER A 455 17.27 -6.17 5.25
C SER A 455 17.13 -7.67 5.09
N GLY A 456 16.17 -8.09 4.27
CA GLY A 456 15.94 -9.49 4.01
C GLY A 456 14.88 -10.09 4.89
N THR A 457 14.33 -11.22 4.45
CA THR A 457 13.28 -11.92 5.17
C THR A 457 13.92 -13.05 5.97
N PRO A 458 13.70 -13.07 7.30
CA PRO A 458 14.23 -14.21 8.05
C PRO A 458 13.51 -15.50 7.69
N HIS A 459 14.24 -16.62 7.75
CA HIS A 459 13.66 -17.95 7.63
C HIS A 459 13.60 -18.59 9.01
N VAL A 460 12.43 -19.03 9.43
CA VAL A 460 12.31 -19.68 10.73
C VAL A 460 11.87 -21.13 10.54
N SER A 461 12.64 -22.07 11.07
CA SER A 461 12.36 -23.48 10.84
C SER A 461 12.23 -24.23 12.16
N PHE A 462 11.56 -25.37 12.11
CA PHE A 462 11.19 -26.08 13.32
C PHE A 462 11.52 -27.55 13.29
N LYS A 463 11.85 -28.09 14.46
CA LYS A 463 11.88 -29.54 14.70
C LYS A 463 11.16 -29.82 16.04
N TYR A 464 10.67 -31.03 16.22
CA TYR A 464 9.83 -31.34 17.38
C TYR A 464 10.26 -32.61 18.06
N ASN A 465 9.96 -32.70 19.35
CA ASN A 465 10.15 -33.95 20.06
C ASN A 465 9.06 -34.12 21.10
N TYR A 466 8.56 -35.34 21.23
CA TYR A 466 7.58 -35.64 22.25
C TYR A 466 7.97 -36.91 22.98
N ASP A 467 8.03 -36.82 24.31
CA ASP A 467 8.27 -37.99 25.15
C ASP A 467 6.96 -38.37 25.84
N ALA A 468 6.36 -39.46 25.39
CA ALA A 468 5.03 -39.84 25.83
C ALA A 468 5.03 -40.19 27.31
N GLU A 469 6.08 -40.87 27.76
CA GLU A 469 6.20 -41.26 29.16
C GLU A 469 6.36 -40.03 30.05
N LYS A 470 7.18 -39.07 29.61
CA LYS A 470 7.43 -37.86 30.38
C LYS A 470 6.36 -36.79 30.20
N LYS A 471 5.48 -36.96 29.21
CA LYS A 471 4.50 -35.92 28.86
C LYS A 471 5.19 -34.59 28.56
N GLN A 472 6.33 -34.68 27.88
CA GLN A 472 7.17 -33.50 27.65
C GLN A 472 7.35 -33.23 26.16
N TYR A 473 7.02 -32.02 25.74
CA TYR A 473 7.03 -31.64 24.34
C TYR A 473 8.06 -30.56 24.09
N SER A 474 8.84 -30.70 23.02
CA SER A 474 9.89 -29.73 22.73
C SER A 474 9.73 -29.17 21.33
N ILE A 475 9.87 -27.85 21.21
CA ILE A 475 9.91 -27.20 19.92
C ILE A 475 11.30 -26.60 19.73
N HIS A 476 12.04 -27.14 18.77
CA HIS A 476 13.36 -26.60 18.45
CA HIS A 476 13.36 -26.65 18.42
C HIS A 476 13.23 -25.64 17.28
N VAL A 477 13.68 -24.41 17.50
CA VAL A 477 13.48 -23.35 16.53
C VAL A 477 14.79 -22.76 16.07
N ASN A 478 14.88 -22.47 14.77
CA ASN A 478 16.08 -21.92 14.18
C ASN A 478 15.70 -20.73 13.31
N GLN A 479 16.49 -19.65 13.35
CA GLN A 479 16.31 -18.55 12.40
C GLN A 479 17.58 -18.30 11.58
N TYR A 480 17.37 -17.81 10.38
CA TYR A 480 18.47 -17.54 9.45
C TYR A 480 18.01 -16.45 8.49
N THR A 481 18.88 -15.49 8.22
CA THR A 481 18.60 -14.53 7.14
C THR A 481 19.74 -14.61 6.14
N LYS A 482 19.41 -14.75 4.86
CA LYS A 482 20.42 -14.83 3.82
C LYS A 482 21.18 -13.52 3.71
N PRO A 483 22.51 -13.60 3.64
CA PRO A 483 23.34 -12.42 3.37
C PRO A 483 22.91 -11.74 2.08
N ASP A 484 23.03 -10.41 2.02
CA ASP A 484 22.71 -9.69 0.78
C ASP A 484 23.65 -8.49 0.66
N GLU A 485 23.30 -7.49 -0.15
CA GLU A 485 24.22 -6.37 -0.38
C GLU A 485 24.29 -5.39 0.80
N ASN A 486 23.33 -5.49 1.72
CA ASN A 486 23.28 -4.57 2.86
C ASN A 486 24.00 -5.07 4.11
N GLN A 487 23.96 -6.38 4.35
CA GLN A 487 24.74 -6.99 5.43
C GLN A 487 25.36 -8.30 4.95
N LYS A 488 26.68 -8.36 5.02
CA LYS A 488 27.41 -9.59 4.72
C LYS A 488 27.12 -10.65 5.79
N GLU A 489 27.00 -10.18 7.03
CA GLU A 489 26.69 -11.05 8.16
C GLU A 489 25.37 -10.59 8.78
N LYS A 490 24.41 -11.49 8.81
CA LYS A 490 23.09 -11.17 9.36
C LYS A 490 23.03 -11.60 10.83
N LYS A 491 22.47 -10.76 11.68
CA LYS A 491 22.39 -11.07 13.11
C LYS A 491 21.02 -11.66 13.44
N PRO A 492 20.95 -12.49 14.50
CA PRO A 492 19.63 -12.99 14.91
C PRO A 492 18.71 -11.86 15.38
N LEU A 493 17.44 -11.94 15.02
CA LEU A 493 16.45 -10.94 15.42
C LEU A 493 15.66 -11.36 16.64
N PHE A 494 14.97 -10.39 17.22
CA PHE A 494 13.98 -10.65 18.26
C PHE A 494 12.70 -11.08 17.56
N ILE A 495 12.42 -12.37 17.54
CA ILE A 495 11.26 -12.87 16.82
C ILE A 495 10.21 -13.44 17.77
N PRO A 496 9.02 -12.79 17.83
CA PRO A 496 7.95 -13.31 18.68
C PRO A 496 7.11 -14.35 17.95
N ILE A 497 6.97 -15.54 18.54
CA ILE A 497 6.28 -16.62 17.89
C ILE A 497 5.06 -16.99 18.70
N SER A 498 3.91 -16.49 18.27
CA SER A 498 2.65 -16.83 18.91
CA SER A 498 2.64 -16.82 18.90
C SER A 498 2.31 -18.27 18.59
N VAL A 499 2.10 -19.07 19.64
CA VAL A 499 1.91 -20.51 19.42
C VAL A 499 0.73 -21.08 20.20
N GLY A 500 0.16 -22.14 19.63
CA GLY A 500 -0.81 -22.96 20.32
C GLY A 500 -0.40 -24.40 20.11
N LEU A 501 -0.95 -25.29 20.92
CA LEU A 501 -0.74 -26.72 20.72
C LEU A 501 -2.10 -27.37 20.61
N ILE A 502 -2.36 -28.03 19.49
CA ILE A 502 -3.67 -28.60 19.25
C ILE A 502 -3.66 -30.10 19.55
N ASN A 503 -4.63 -30.55 20.35
CA ASN A 503 -4.85 -31.97 20.58
C ASN A 503 -5.43 -32.61 19.32
N PRO A 504 -4.71 -33.55 18.69
CA PRO A 504 -5.21 -34.03 17.40
C PRO A 504 -6.43 -34.94 17.54
N GLU A 505 -6.73 -35.41 18.74
CA GLU A 505 -7.88 -36.29 18.93
C GLU A 505 -9.20 -35.53 19.04
N ASN A 506 -9.17 -34.31 19.57
CA ASN A 506 -10.41 -33.55 19.73
C ASN A 506 -10.35 -32.11 19.23
N GLY A 507 -9.20 -31.70 18.70
CA GLY A 507 -9.06 -30.37 18.16
C GLY A 507 -8.97 -29.26 19.19
N LYS A 508 -8.82 -29.61 20.46
CA LYS A 508 -8.81 -28.58 21.51
C LYS A 508 -7.43 -27.98 21.80
N GLU A 509 -7.42 -26.77 22.34
CA GLU A 509 -6.19 -26.12 22.78
C GLU A 509 -5.61 -26.85 23.98
N MET A 510 -4.29 -27.08 23.98
CA MET A 510 -3.67 -27.78 25.10
C MET A 510 -2.92 -26.84 26.03
N ILE A 511 -2.60 -25.64 25.57
CA ILE A 511 -1.99 -24.65 26.44
C ILE A 511 -2.66 -23.30 26.31
N SER A 512 -2.42 -22.43 27.30
CA SER A 512 -2.91 -21.06 27.23
C SER A 512 -2.13 -20.27 26.20
N GLN A 513 -2.65 -19.10 25.83
CA GLN A 513 -1.97 -18.20 24.90
C GLN A 513 -0.51 -18.05 25.26
N THR A 514 0.36 -18.25 24.29
CA THR A 514 1.79 -18.26 24.54
C THR A 514 2.54 -17.62 23.38
N THR A 515 3.44 -16.69 23.69
CA THR A 515 4.30 -16.12 22.68
C THR A 515 5.75 -16.42 23.03
N LEU A 516 6.37 -17.30 22.26
CA LEU A 516 7.78 -17.62 22.43
C LEU A 516 8.65 -16.44 21.99
N GLU A 517 9.63 -16.07 22.79
CA GLU A 517 10.51 -14.98 22.39
C GLU A 517 11.82 -15.58 21.92
N LEU A 518 11.99 -15.69 20.60
CA LEU A 518 13.23 -16.24 20.05
C LEU A 518 14.21 -15.10 19.84
N THR A 519 15.33 -15.14 20.54
CA THR A 519 16.28 -14.02 20.45
C THR A 519 17.66 -14.49 20.02
N LYS A 520 17.81 -15.80 19.84
CA LYS A 520 19.10 -16.34 19.42
C LYS A 520 18.97 -17.01 18.07
N GLU A 521 20.09 -17.46 17.51
CA GLU A 521 20.07 -18.15 16.22
C GLU A 521 19.19 -19.39 16.31
N SER A 522 19.16 -20.00 17.49
CA SER A 522 18.30 -21.15 17.74
C SER A 522 17.99 -21.29 19.22
N ASP A 523 16.86 -21.93 19.51
CA ASP A 523 16.48 -22.20 20.91
C ASP A 523 15.58 -23.42 20.98
N THR A 524 15.52 -24.02 22.16
CA THR A 524 14.60 -25.13 22.37
C THR A 524 13.59 -24.73 23.43
N PHE A 525 12.30 -24.81 23.10
CA PHE A 525 11.23 -24.47 24.02
C PHE A 525 10.55 -25.75 24.47
N VAL A 526 10.56 -26.00 25.78
CA VAL A 526 10.04 -27.26 26.31
C VAL A 526 8.76 -27.02 27.08
N PHE A 527 7.80 -27.93 26.93
CA PHE A 527 6.53 -27.84 27.63
C PHE A 527 6.28 -29.12 28.38
N ASN A 528 5.95 -29.00 29.66
CA ASN A 528 5.64 -30.16 30.49
C ASN A 528 4.14 -30.38 30.60
N ASN A 529 3.79 -31.56 31.11
CA ASN A 529 2.40 -31.96 31.27
C ASN A 529 1.60 -31.80 29.98
N ILE A 530 2.19 -32.28 28.89
CA ILE A 530 1.52 -32.34 27.60
C ILE A 530 1.04 -33.79 27.42
N ALA A 531 -0.26 -34.01 27.56
CA ALA A 531 -0.80 -35.36 27.79
C ALA A 531 -0.72 -36.25 26.55
N VAL A 532 -0.66 -35.64 25.38
CA VAL A 532 -0.65 -36.41 24.15
C VAL A 532 0.19 -35.62 23.16
N LYS A 533 0.71 -36.28 22.12
CA LYS A 533 1.52 -35.57 21.13
C LYS A 533 0.70 -34.53 20.36
N PRO A 534 1.09 -33.25 20.47
CA PRO A 534 0.27 -32.22 19.86
C PRO A 534 0.61 -31.96 18.41
N ILE A 535 -0.25 -31.23 17.74
CA ILE A 535 0.11 -30.57 16.50
C ILE A 535 0.33 -29.11 16.82
N PRO A 536 1.52 -28.59 16.54
CA PRO A 536 1.80 -27.19 16.86
C PRO A 536 1.16 -26.20 15.87
N SER A 537 0.59 -25.15 16.44
CA SER A 537 -0.03 -24.07 15.70
C SER A 537 0.91 -22.87 15.81
N LEU A 538 1.71 -22.65 14.78
CA LEU A 538 2.85 -21.71 14.83
C LEU A 538 2.66 -20.37 14.11
N PHE A 539 3.16 -19.31 14.74
CA PHE A 539 3.04 -17.95 14.23
C PHE A 539 1.58 -17.54 14.04
N ARG A 540 0.75 -17.84 15.03
CA ARG A 540 -0.64 -17.44 14.99
C ARG A 540 -0.77 -15.94 14.71
N GLY A 541 -1.71 -15.60 13.84
CA GLY A 541 -1.95 -14.22 13.43
C GLY A 541 -0.83 -13.70 12.54
N PHE A 542 0.03 -14.61 12.07
CA PHE A 542 1.30 -14.30 11.39
C PHE A 542 2.13 -13.35 12.25
N SER A 543 2.69 -13.88 13.33
CA SER A 543 3.19 -13.01 14.39
C SER A 543 4.56 -12.39 14.12
N ALA A 544 5.23 -12.76 13.02
CA ALA A 544 6.47 -12.10 12.60
C ALA A 544 6.62 -12.22 11.09
N PRO A 545 7.25 -11.23 10.43
CA PRO A 545 7.32 -11.22 8.97
C PRO A 545 8.46 -12.10 8.46
N VAL A 546 8.20 -13.40 8.40
CA VAL A 546 9.24 -14.39 8.16
C VAL A 546 8.74 -15.46 7.22
N TYR A 547 9.68 -16.16 6.60
CA TYR A 547 9.39 -17.43 5.95
C TYR A 547 9.22 -18.50 7.02
N ILE A 548 8.05 -19.13 7.06
CA ILE A 548 7.78 -20.17 8.04
C ILE A 548 8.00 -21.54 7.42
N GLU A 549 8.88 -22.33 8.02
CA GLU A 549 9.06 -23.72 7.59
C GLU A 549 8.59 -24.63 8.72
N ASP A 550 7.34 -25.08 8.64
CA ASP A 550 6.71 -25.72 9.80
C ASP A 550 7.11 -27.18 9.94
N GLN A 551 7.71 -27.76 8.89
CA GLN A 551 8.15 -29.15 8.91
C GLN A 551 7.03 -30.10 9.34
N LEU A 552 5.80 -29.74 9.00
CA LEU A 552 4.65 -30.61 9.32
C LEU A 552 4.30 -31.48 8.13
N THR A 553 3.77 -32.67 8.39
CA THR A 553 3.23 -33.51 7.33
C THR A 553 1.93 -32.93 6.79
N ASP A 554 1.54 -33.40 5.61
CA ASP A 554 0.30 -32.89 5.05
C ASP A 554 -0.88 -33.35 5.90
N GLU A 555 -0.77 -34.52 6.55
CA GLU A 555 -1.81 -34.97 7.47
C GLU A 555 -2.02 -34.01 8.64
N GLU A 556 -0.91 -33.57 9.24
CA GLU A 556 -0.96 -32.59 10.32
C GLU A 556 -1.49 -31.26 9.82
N ARG A 557 -1.10 -30.87 8.62
CA ARG A 557 -1.56 -29.58 8.08
C ARG A 557 -3.05 -29.61 7.81
N ILE A 558 -3.54 -30.74 7.30
CA ILE A 558 -4.98 -30.91 7.11
C ILE A 558 -5.72 -30.81 8.45
N LEU A 559 -5.16 -31.40 9.51
CA LEU A 559 -5.84 -31.34 10.81
C LEU A 559 -5.92 -29.88 11.30
N LEU A 560 -4.87 -29.10 11.08
CA LEU A 560 -4.90 -27.69 11.48
C LEU A 560 -5.90 -26.92 10.64
N LEU A 561 -5.87 -27.17 9.34
CA LEU A 561 -6.82 -26.51 8.44
C LEU A 561 -8.27 -26.73 8.87
N LYS A 562 -8.58 -27.95 9.31
CA LYS A 562 -9.94 -28.23 9.72
C LYS A 562 -10.26 -27.73 11.12
N TYR A 563 -9.31 -27.88 12.05
CA TYR A 563 -9.66 -27.78 13.48
C TYR A 563 -8.93 -26.70 14.31
N ASP A 564 -7.92 -26.06 13.74
CA ASP A 564 -7.20 -25.03 14.51
C ASP A 564 -8.08 -23.81 14.77
N SER A 565 -7.76 -23.04 15.81
CA SER A 565 -8.55 -21.87 16.17
C SER A 565 -8.08 -20.61 15.47
N ASP A 566 -6.88 -20.65 14.89
CA ASP A 566 -6.31 -19.43 14.34
C ASP A 566 -6.44 -19.35 12.84
N ALA A 567 -7.06 -18.28 12.34
CA ALA A 567 -7.32 -18.18 10.90
C ALA A 567 -6.04 -18.19 10.09
N PHE A 568 -5.02 -17.47 10.53
CA PHE A 568 -3.81 -17.46 9.71
C PHE A 568 -3.17 -18.86 9.66
N VAL A 569 -3.10 -19.57 10.79
CA VAL A 569 -2.43 -20.87 10.75
C VAL A 569 -3.21 -21.84 9.86
N ARG A 570 -4.54 -21.76 9.90
CA ARG A 570 -5.34 -22.60 9.00
C ARG A 570 -5.03 -22.28 7.53
N TYR A 571 -5.06 -21.00 7.20
CA TYR A 571 -4.76 -20.51 5.85
C TYR A 571 -3.33 -20.85 5.44
N ASN A 572 -2.40 -20.75 6.38
CA ASN A 572 -1.00 -21.05 6.06
C ASN A 572 -0.78 -22.53 5.86
N SER A 573 -1.52 -23.35 6.61
CA SER A 573 -1.37 -24.79 6.47
C SER A 573 -1.87 -25.20 5.09
N CYS A 574 -2.99 -24.62 4.68
CA CYS A 574 -3.50 -24.80 3.33
C CYS A 574 -2.46 -24.36 2.30
N THR A 575 -1.90 -23.16 2.52
CA THR A 575 -0.88 -22.62 1.63
C THR A 575 0.30 -23.58 1.48
N ASN A 576 0.73 -24.14 2.61
CA ASN A 576 1.88 -25.04 2.60
C ASN A 576 1.60 -26.36 1.88
N ILE A 577 0.38 -26.88 2.01
CA ILE A 577 -0.02 -28.07 1.29
C ILE A 577 0.04 -27.80 -0.23
N TYR A 578 -0.53 -26.67 -0.64
CA TYR A 578 -0.46 -26.24 -2.02
C TYR A 578 0.97 -26.08 -2.50
N MET A 579 1.83 -25.43 -1.71
CA MET A 579 3.21 -25.22 -2.16
C MET A 579 3.94 -26.55 -2.38
N LYS A 580 3.73 -27.51 -1.48
CA LYS A 580 4.38 -28.79 -1.65
C LYS A 580 3.94 -29.45 -2.97
N GLN A 581 2.64 -29.39 -3.24
CA GLN A 581 2.12 -29.93 -4.50
C GLN A 581 2.67 -29.19 -5.72
N ILE A 582 2.66 -27.86 -5.66
CA ILE A 582 3.16 -27.03 -6.75
C ILE A 582 4.61 -27.33 -7.09
N LEU A 583 5.48 -27.36 -6.07
CA LEU A 583 6.89 -27.63 -6.31
C LEU A 583 7.10 -29.01 -6.92
N MET A 584 6.34 -30.00 -6.44
CA MET A 584 6.45 -31.36 -6.93
CA MET A 584 6.47 -31.36 -6.95
C MET A 584 6.05 -31.43 -8.42
N ASN A 585 4.87 -30.94 -8.74
CA ASN A 585 4.36 -31.00 -10.12
C ASN A 585 5.20 -30.13 -11.04
N TYR A 586 5.65 -28.97 -10.53
CA TYR A 586 6.49 -28.09 -11.34
C TYR A 586 7.72 -28.87 -11.81
N ASN A 587 8.38 -29.55 -10.87
CA ASN A 587 9.58 -30.29 -11.20
CA ASN A 587 9.60 -30.26 -11.23
C ASN A 587 9.30 -31.43 -12.18
N GLU A 588 8.13 -32.04 -12.06
CA GLU A 588 7.76 -33.12 -12.99
C GLU A 588 7.51 -32.58 -14.41
N PHE A 589 6.79 -31.48 -14.53
CA PHE A 589 6.60 -30.84 -15.85
C PHE A 589 7.93 -30.35 -16.43
N LEU A 590 8.77 -29.78 -15.57
CA LEU A 590 10.07 -29.26 -16.00
C LEU A 590 10.95 -30.35 -16.57
N LYS A 591 11.03 -31.48 -15.87
CA LYS A 591 11.76 -32.65 -16.33
C LYS A 591 11.24 -33.11 -17.70
N ALA A 592 9.92 -33.18 -17.85
CA ALA A 592 9.33 -33.63 -19.11
C ALA A 592 9.69 -32.69 -20.24
N LYS A 593 9.71 -31.39 -19.94
CA LYS A 593 10.07 -30.37 -20.94
C LYS A 593 11.55 -30.51 -21.28
N ASN A 594 12.40 -30.55 -20.26
CA ASN A 594 13.84 -30.62 -20.47
C ASN A 594 14.30 -31.88 -21.20
N GLU A 595 13.68 -33.01 -20.88
CA GLU A 595 14.09 -34.27 -21.48
C GLU A 595 13.29 -34.63 -22.72
N LYS A 596 12.36 -33.75 -23.12
CA LYS A 596 11.51 -34.01 -24.27
C LYS A 596 10.84 -35.38 -24.16
N LEU A 597 10.19 -35.63 -23.02
CA LEU A 597 9.58 -36.94 -22.81
C LEU A 597 8.31 -37.11 -23.62
N GLU A 598 8.13 -38.32 -24.14
CA GLU A 598 6.94 -38.69 -24.90
C GLU A 598 5.80 -39.07 -23.96
N SER A 599 6.17 -39.49 -22.76
CA SER A 599 5.20 -39.76 -21.71
C SER A 599 5.87 -39.58 -20.35
N PHE A 600 5.05 -39.32 -19.34
CA PHE A 600 5.55 -39.14 -17.98
C PHE A 600 4.38 -39.17 -17.01
N GLN A 601 4.68 -39.17 -15.72
CA GLN A 601 3.65 -39.19 -14.70
C GLN A 601 3.62 -37.90 -13.90
N LEU A 602 2.43 -37.54 -13.44
CA LEU A 602 2.28 -36.42 -12.51
C LEU A 602 1.75 -36.96 -11.20
N THR A 603 2.26 -36.45 -10.08
CA THR A 603 1.73 -36.83 -8.77
C THR A 603 0.40 -36.12 -8.50
N PRO A 604 -0.66 -36.89 -8.26
CA PRO A 604 -1.96 -36.27 -8.04
C PRO A 604 -2.03 -35.45 -6.75
N VAL A 605 -3.01 -34.56 -6.69
CA VAL A 605 -3.30 -33.80 -5.48
C VAL A 605 -3.76 -34.76 -4.39
N ASN A 606 -3.26 -34.56 -3.18
CA ASN A 606 -3.63 -35.36 -2.01
C ASN A 606 -5.17 -35.44 -1.84
N ALA A 607 -5.73 -36.66 -1.85
CA ALA A 607 -7.19 -36.81 -1.80
C ALA A 607 -7.76 -36.35 -0.48
N GLN A 608 -7.02 -36.53 0.61
CA GLN A 608 -7.51 -36.12 1.93
C GLN A 608 -7.53 -34.60 2.03
N PHE A 609 -6.63 -33.94 1.29
CA PHE A 609 -6.65 -32.48 1.22
C PHE A 609 -7.91 -32.00 0.49
N ILE A 610 -8.21 -32.66 -0.64
CA ILE A 610 -9.42 -32.32 -1.39
C ILE A 610 -10.65 -32.57 -0.51
N ASP A 611 -10.64 -33.66 0.26
CA ASP A 611 -11.74 -33.97 1.17
C ASP A 611 -11.92 -32.87 2.21
N ALA A 612 -10.80 -32.33 2.68
CA ALA A 612 -10.80 -31.28 3.70
C ALA A 612 -11.37 -29.98 3.15
N ILE A 613 -11.00 -29.64 1.91
CA ILE A 613 -11.59 -28.50 1.23
C ILE A 613 -13.13 -28.65 1.13
N LYS A 614 -13.58 -29.84 0.76
CA LYS A 614 -15.02 -30.09 0.61
C LYS A 614 -15.71 -29.93 1.96
N TYR A 615 -15.12 -30.52 2.99
CA TYR A 615 -15.61 -30.42 4.37
C TYR A 615 -15.82 -28.97 4.79
N LEU A 616 -14.84 -28.13 4.52
CA LEU A 616 -14.92 -26.72 4.90
C LEU A 616 -15.93 -25.97 4.04
N LEU A 617 -15.92 -26.20 2.73
CA LEU A 617 -16.89 -25.55 1.87
C LEU A 617 -18.33 -25.88 2.24
N GLU A 618 -18.56 -27.11 2.71
CA GLU A 618 -19.93 -27.55 2.99
C GLU A 618 -20.38 -27.19 4.40
N ASP A 619 -19.48 -26.60 5.18
CA ASP A 619 -19.82 -26.21 6.55
C ASP A 619 -20.56 -24.88 6.52
N PRO A 620 -21.84 -24.89 6.92
CA PRO A 620 -22.64 -23.66 6.85
C PRO A 620 -22.19 -22.60 7.84
N HIS A 621 -21.42 -22.99 8.84
CA HIS A 621 -20.98 -22.06 9.87
C HIS A 621 -19.58 -21.50 9.59
N ALA A 622 -18.94 -22.02 8.53
CA ALA A 622 -17.62 -21.52 8.17
C ALA A 622 -17.75 -20.21 7.38
N ASP A 623 -16.67 -19.44 7.39
CA ASP A 623 -16.67 -18.09 6.85
C ASP A 623 -16.45 -18.09 5.34
N ALA A 624 -17.27 -17.31 4.63
CA ALA A 624 -17.24 -17.28 3.17
C ALA A 624 -15.94 -16.72 2.63
N GLY A 625 -15.43 -15.68 3.29
CA GLY A 625 -14.18 -15.09 2.86
C GLY A 625 -13.03 -16.08 2.98
N PHE A 626 -12.98 -16.79 4.11
CA PHE A 626 -11.98 -17.82 4.32
C PHE A 626 -12.09 -18.90 3.23
N LYS A 627 -13.31 -19.31 2.93
CA LYS A 627 -13.56 -20.33 1.90
C LYS A 627 -12.97 -19.93 0.55
N SER A 628 -13.01 -18.63 0.23
CA SER A 628 -12.50 -18.21 -1.07
C SER A 628 -10.98 -18.33 -1.11
N TYR A 629 -10.33 -18.20 0.04
CA TYR A 629 -8.88 -18.35 0.10
C TYR A 629 -8.47 -19.81 -0.09
N ILE A 630 -9.23 -20.75 0.46
CA ILE A 630 -8.77 -22.15 0.42
C ILE A 630 -8.89 -22.78 -0.97
N VAL A 631 -9.77 -22.25 -1.82
CA VAL A 631 -9.93 -22.79 -3.19
C VAL A 631 -9.06 -22.05 -4.21
N SER A 632 -8.28 -21.09 -3.72
CA SER A 632 -7.35 -20.37 -4.59
C SER A 632 -5.91 -20.81 -4.33
N LEU A 633 -5.17 -21.09 -5.39
CA LEU A 633 -3.75 -21.42 -5.23
C LEU A 633 -3.01 -20.17 -4.75
N PRO A 634 -1.85 -20.36 -4.10
CA PRO A 634 -1.02 -19.21 -3.72
C PRO A 634 -0.68 -18.32 -4.92
N GLN A 635 -0.58 -17.02 -4.68
CA GLN A 635 -0.18 -16.06 -5.70
C GLN A 635 1.11 -16.45 -6.39
N ASP A 636 1.19 -16.16 -7.68
CA ASP A 636 2.41 -16.40 -8.45
C ASP A 636 3.62 -15.72 -7.81
N ARG A 637 3.44 -14.50 -7.33
CA ARG A 637 4.56 -13.75 -6.75
C ARG A 637 4.96 -14.29 -5.36
N TYR A 638 4.11 -15.12 -4.77
CA TYR A 638 4.49 -15.86 -3.57
C TYR A 638 5.29 -17.10 -3.95
N ILE A 639 4.78 -17.81 -4.95
CA ILE A 639 5.39 -19.06 -5.39
C ILE A 639 6.82 -18.83 -5.87
N ILE A 640 7.05 -17.74 -6.60
CA ILE A 640 8.37 -17.51 -7.20
C ILE A 640 9.50 -17.37 -6.15
N ASN A 641 9.14 -17.05 -4.91
CA ASN A 641 10.14 -17.00 -3.83
C ASN A 641 10.74 -18.38 -3.54
N PHE A 642 10.10 -19.44 -4.02
CA PHE A 642 10.53 -20.78 -3.69
C PHE A 642 11.12 -21.58 -4.86
N VAL A 643 11.22 -20.95 -6.02
CA VAL A 643 11.69 -21.63 -7.22
C VAL A 643 12.81 -20.85 -7.91
N SER A 644 13.96 -21.49 -8.15
CA SER A 644 15.03 -20.82 -8.90
C SER A 644 14.78 -20.93 -10.40
N ASN A 645 15.13 -19.89 -11.15
CA ASN A 645 15.03 -19.93 -12.62
C ASN A 645 13.64 -20.35 -13.07
N LEU A 646 12.63 -19.72 -12.48
CA LEU A 646 11.24 -20.09 -12.69
C LEU A 646 10.83 -19.98 -14.15
N ASP A 647 10.44 -21.11 -14.75
CA ASP A 647 9.86 -21.16 -16.08
C ASP A 647 8.38 -20.89 -15.94
N THR A 648 7.92 -19.72 -16.40
CA THR A 648 6.54 -19.31 -16.13
C THR A 648 5.53 -20.19 -16.88
N ASP A 649 5.93 -20.74 -18.02
CA ASP A 649 5.04 -21.60 -18.78
C ASP A 649 4.82 -22.91 -18.05
N VAL A 650 5.89 -23.42 -17.45
CA VAL A 650 5.81 -24.66 -16.67
C VAL A 650 4.97 -24.41 -15.42
N LEU A 651 5.14 -23.26 -14.80
CA LEU A 651 4.28 -22.92 -13.65
C LEU A 651 2.82 -22.81 -14.08
N ALA A 652 2.57 -22.20 -15.24
CA ALA A 652 1.19 -22.11 -15.71
C ALA A 652 0.61 -23.52 -15.89
N ASP A 653 1.38 -24.44 -16.45
CA ASP A 653 0.92 -25.82 -16.64
C ASP A 653 0.71 -26.51 -15.30
N THR A 654 1.54 -26.18 -14.33
CA THR A 654 1.43 -26.75 -13.00
C THR A 654 0.14 -26.30 -12.31
N LYS A 655 -0.11 -25.00 -12.34
CA LYS A 655 -1.33 -24.48 -11.75
C LYS A 655 -2.56 -25.08 -12.44
N GLU A 656 -2.53 -25.14 -13.77
CA GLU A 656 -3.63 -25.71 -14.53
C GLU A 656 -3.94 -27.14 -14.08
N TYR A 657 -2.89 -27.94 -13.93
CA TYR A 657 -3.07 -29.34 -13.52
C TYR A 657 -3.73 -29.44 -12.15
N ILE A 658 -3.23 -28.65 -11.20
CA ILE A 658 -3.71 -28.72 -9.83
C ILE A 658 -5.15 -28.22 -9.73
N TYR A 659 -5.46 -27.12 -10.42
CA TYR A 659 -6.84 -26.65 -10.42
C TYR A 659 -7.79 -27.68 -11.05
N LYS A 660 -7.35 -28.35 -12.11
CA LYS A 660 -8.21 -29.33 -12.79
C LYS A 660 -8.39 -30.57 -11.90
N GLN A 661 -7.33 -30.96 -11.18
CA GLN A 661 -7.40 -32.07 -10.23
C GLN A 661 -8.49 -31.86 -9.15
N ILE A 662 -8.49 -30.67 -8.58
CA ILE A 662 -9.43 -30.37 -7.51
C ILE A 662 -10.84 -30.20 -8.08
N GLY A 663 -10.94 -29.44 -9.17
CA GLY A 663 -12.22 -29.28 -9.85
C GLY A 663 -12.87 -30.57 -10.31
N ASP A 664 -12.08 -31.51 -10.84
CA ASP A 664 -12.61 -32.81 -11.22
C ASP A 664 -13.33 -33.48 -10.05
N LYS A 665 -12.92 -33.17 -8.82
CA LYS A 665 -13.60 -33.75 -7.67
C LYS A 665 -14.70 -32.83 -7.10
N LEU A 666 -14.47 -31.51 -7.12
CA LEU A 666 -15.35 -30.60 -6.38
C LEU A 666 -16.27 -29.70 -7.20
N ASN A 667 -16.23 -29.78 -8.52
CA ASN A 667 -17.03 -28.84 -9.33
C ASN A 667 -18.52 -28.86 -8.97
N ASP A 668 -19.08 -30.04 -8.70
CA ASP A 668 -20.50 -30.12 -8.35
C ASP A 668 -20.76 -29.40 -7.02
N VAL A 669 -19.83 -29.54 -6.08
CA VAL A 669 -19.89 -28.80 -4.82
C VAL A 669 -19.82 -27.30 -5.09
N TYR A 670 -18.87 -26.88 -5.90
CA TYR A 670 -18.72 -25.47 -6.29
C TYR A 670 -20.02 -24.92 -6.87
N TYR A 671 -20.64 -25.70 -7.74
CA TYR A 671 -21.86 -25.24 -8.41
C TYR A 671 -23.01 -25.12 -7.43
N LYS A 672 -23.20 -26.16 -6.63
CA LYS A 672 -24.23 -26.16 -5.60
C LYS A 672 -24.10 -24.92 -4.69
N MET A 673 -22.86 -24.59 -4.33
CA MET A 673 -22.62 -23.43 -3.49
C MET A 673 -22.85 -22.10 -4.19
N PHE A 674 -22.42 -22.01 -5.45
CA PHE A 674 -22.64 -20.79 -6.23
C PHE A 674 -24.13 -20.47 -6.22
N LYS A 675 -24.95 -21.50 -6.37
CA LYS A 675 -26.40 -21.32 -6.40
C LYS A 675 -27.01 -21.03 -5.04
N SER A 676 -26.55 -21.72 -3.99
CA SER A 676 -27.20 -21.58 -2.69
C SER A 676 -26.80 -20.28 -2.01
N LEU A 677 -25.68 -19.70 -2.44
CA LEU A 677 -25.18 -18.46 -1.87
C LEU A 677 -25.86 -17.23 -2.46
N GLU A 678 -26.54 -17.39 -3.60
CA GLU A 678 -27.07 -16.24 -4.35
CA GLU A 678 -27.07 -16.25 -4.35
C GLU A 678 -27.96 -15.34 -3.50
N ALA A 679 -28.94 -15.94 -2.80
CA ALA A 679 -29.92 -15.16 -2.04
C ALA A 679 -29.29 -14.16 -1.08
N LYS A 680 -28.39 -14.63 -0.22
CA LYS A 680 -27.74 -13.76 0.74
C LYS A 680 -26.68 -12.87 0.11
N ALA A 681 -25.93 -13.40 -0.84
CA ALA A 681 -24.83 -12.64 -1.44
C ALA A 681 -25.34 -11.43 -2.22
N ASP A 682 -26.43 -11.60 -2.97
CA ASP A 682 -26.89 -10.55 -3.87
C ASP A 682 -28.11 -9.82 -3.35
N ASP A 683 -28.39 -9.99 -2.06
CA ASP A 683 -29.48 -9.27 -1.38
C ASP A 683 -29.45 -7.77 -1.67
N LEU A 684 -30.58 -7.23 -2.14
CA LEU A 684 -30.66 -5.84 -2.58
C LEU A 684 -31.30 -4.89 -1.56
N THR A 685 -31.60 -5.41 -0.37
CA THR A 685 -32.33 -4.66 0.66
C THR A 685 -31.73 -3.27 0.92
N TYR A 686 -30.40 -3.19 0.94
CA TYR A 686 -29.72 -1.94 1.27
C TYR A 686 -28.94 -1.35 0.08
N PHE A 687 -29.32 -1.75 -1.13
CA PHE A 687 -28.61 -1.31 -2.33
C PHE A 687 -28.65 0.22 -2.50
N ASN A 688 -29.72 0.85 -2.02
CA ASN A 688 -29.82 2.32 -2.11
C ASN A 688 -29.53 3.04 -0.80
N ASP A 689 -28.97 2.32 0.16
CA ASP A 689 -28.48 2.93 1.39
C ASP A 689 -26.94 2.94 1.36
N GLU A 690 -26.36 4.10 1.09
CA GLU A 690 -24.91 4.17 0.92
C GLU A 690 -24.12 4.05 2.20
N SER A 691 -24.78 4.08 3.35
CA SER A 691 -24.07 4.01 4.62
CA SER A 691 -24.07 4.01 4.62
C SER A 691 -24.10 2.61 5.20
N HIS A 692 -24.84 1.72 4.53
CA HIS A 692 -24.95 0.34 5.00
C HIS A 692 -23.96 -0.53 4.23
N VAL A 693 -22.90 -0.94 4.92
CA VAL A 693 -21.88 -1.76 4.28
C VAL A 693 -21.67 -3.04 5.08
N ASP A 694 -21.82 -4.17 4.40
CA ASP A 694 -21.83 -5.48 5.02
C ASP A 694 -20.66 -6.29 4.47
N PHE A 695 -19.59 -6.36 5.25
CA PHE A 695 -18.37 -6.99 4.77
C PHE A 695 -18.54 -8.50 4.63
N ASP A 696 -19.38 -9.12 5.44
CA ASP A 696 -19.66 -10.55 5.29
CA ASP A 696 -19.62 -10.55 5.27
C ASP A 696 -20.39 -10.80 3.96
N GLN A 697 -21.34 -9.94 3.64
CA GLN A 697 -22.06 -10.11 2.37
C GLN A 697 -21.12 -9.91 1.19
N MET A 698 -20.21 -8.94 1.27
CA MET A 698 -19.24 -8.78 0.20
C MET A 698 -18.32 -9.99 0.08
N ASN A 699 -17.99 -10.61 1.21
CA ASN A 699 -17.20 -11.85 1.17
C ASN A 699 -17.97 -13.00 0.53
N MET A 700 -19.29 -13.04 0.72
CA MET A 700 -20.11 -14.04 0.03
C MET A 700 -20.07 -13.83 -1.48
N ARG A 701 -20.08 -12.58 -1.92
CA ARG A 701 -19.99 -12.32 -3.36
C ARG A 701 -18.60 -12.70 -3.87
N THR A 702 -17.56 -12.45 -3.07
CA THR A 702 -16.21 -12.85 -3.48
C THR A 702 -16.15 -14.36 -3.68
N LEU A 703 -16.73 -15.09 -2.74
CA LEU A 703 -16.77 -16.55 -2.87
C LEU A 703 -17.52 -16.99 -4.11
N ARG A 704 -18.71 -16.43 -4.35
CA ARG A 704 -19.46 -16.77 -5.55
C ARG A 704 -18.69 -16.48 -6.82
N ASN A 705 -18.02 -15.33 -6.86
CA ASN A 705 -17.31 -14.94 -8.07
C ASN A 705 -16.03 -15.76 -8.27
N THR A 706 -15.45 -16.21 -7.17
CA THR A 706 -14.31 -17.12 -7.20
C THR A 706 -14.74 -18.49 -7.76
N LEU A 707 -15.87 -18.99 -7.27
CA LEU A 707 -16.39 -20.26 -7.73
C LEU A 707 -16.83 -20.20 -9.20
N LEU A 708 -17.44 -19.08 -9.60
CA LEU A 708 -17.87 -18.93 -10.97
C LEU A 708 -16.68 -18.98 -11.93
N SER A 709 -15.59 -18.33 -11.52
CA SER A 709 -14.35 -18.37 -12.29
C SER A 709 -13.83 -19.81 -12.44
N LEU A 710 -13.78 -20.55 -11.34
CA LEU A 710 -13.31 -21.93 -11.37
C LEU A 710 -14.21 -22.77 -12.27
N LEU A 711 -15.52 -22.63 -12.12
CA LEU A 711 -16.46 -23.39 -12.93
C LEU A 711 -16.38 -23.02 -14.42
N SER A 712 -16.11 -21.75 -14.72
CA SER A 712 -16.08 -21.29 -16.11
C SER A 712 -14.86 -21.82 -16.84
N LYS A 713 -13.70 -21.73 -16.18
CA LYS A 713 -12.46 -22.27 -16.70
C LYS A 713 -12.63 -23.76 -16.99
N ALA A 714 -13.35 -24.45 -16.10
CA ALA A 714 -13.60 -25.88 -16.24
C ALA A 714 -14.63 -26.24 -17.33
N GLN A 715 -15.28 -25.24 -17.90
CA GLN A 715 -16.33 -25.48 -18.88
C GLN A 715 -17.40 -26.40 -18.28
N TYR A 716 -17.73 -26.15 -17.02
CA TYR A 716 -18.81 -26.86 -16.34
C TYR A 716 -20.08 -26.78 -17.19
N PRO A 717 -20.83 -27.91 -17.30
CA PRO A 717 -22.01 -27.97 -18.17
C PRO A 717 -22.98 -26.81 -17.96
N ASN A 718 -23.24 -26.08 -19.04
CA ASN A 718 -24.22 -25.00 -19.07
C ASN A 718 -23.91 -23.80 -18.17
N ILE A 719 -22.66 -23.70 -17.73
CA ILE A 719 -22.27 -22.58 -16.87
C ILE A 719 -22.43 -21.23 -17.59
N LEU A 720 -22.44 -21.23 -18.92
CA LEU A 720 -22.63 -19.98 -19.66
C LEU A 720 -23.98 -19.36 -19.34
N ASN A 721 -24.97 -20.18 -19.00
CA ASN A 721 -26.27 -19.64 -18.59
C ASN A 721 -26.14 -18.83 -17.31
N GLU A 722 -25.36 -19.33 -16.36
CA GLU A 722 -25.14 -18.64 -15.09
C GLU A 722 -24.40 -17.34 -15.32
N ILE A 723 -23.44 -17.37 -16.25
CA ILE A 723 -22.64 -16.20 -16.58
C ILE A 723 -23.51 -15.08 -17.13
N ILE A 724 -24.39 -15.43 -18.06
CA ILE A 724 -25.29 -14.46 -18.67
C ILE A 724 -26.22 -13.84 -17.64
N GLU A 725 -26.80 -14.69 -16.79
CA GLU A 725 -27.68 -14.22 -15.72
C GLU A 725 -26.92 -13.30 -14.76
N HIS A 726 -25.66 -13.67 -14.48
CA HIS A 726 -24.80 -12.89 -13.60
C HIS A 726 -24.55 -11.50 -14.17
N SER A 727 -24.46 -11.39 -15.50
CA SER A 727 -24.21 -10.11 -16.16
C SER A 727 -25.34 -9.11 -15.92
N LYS A 728 -26.48 -9.61 -15.46
CA LYS A 728 -27.67 -8.77 -15.24
C LYS A 728 -27.79 -8.31 -13.79
N SER A 729 -26.87 -8.74 -12.94
CA SER A 729 -26.86 -8.29 -11.55
C SER A 729 -26.60 -6.79 -11.44
N PRO A 730 -27.28 -6.13 -10.48
CA PRO A 730 -27.05 -4.71 -10.15
C PRO A 730 -25.65 -4.43 -9.60
N TYR A 731 -24.99 -5.41 -9.00
CA TYR A 731 -23.67 -5.22 -8.39
C TYR A 731 -22.53 -5.28 -9.40
N PRO A 732 -21.76 -4.19 -9.52
CA PRO A 732 -20.63 -4.19 -10.46
C PRO A 732 -19.62 -5.31 -10.21
N SER A 733 -19.44 -5.74 -8.97
CA SER A 733 -18.53 -6.85 -8.72
C SER A 733 -19.01 -8.07 -9.48
N ASN A 734 -20.33 -8.25 -9.53
CA ASN A 734 -20.93 -9.35 -10.27
C ASN A 734 -20.85 -9.16 -11.78
N TRP A 735 -21.32 -8.02 -12.30
CA TRP A 735 -21.38 -7.95 -13.76
C TRP A 735 -20.00 -7.73 -14.38
N LEU A 736 -19.03 -7.19 -13.64
CA LEU A 736 -17.66 -7.17 -14.16
C LEU A 736 -17.05 -8.57 -14.11
N THR A 737 -17.40 -9.33 -13.07
CA THR A 737 -16.98 -10.73 -13.00
C THR A 737 -17.52 -11.48 -14.20
N SER A 738 -18.76 -11.17 -14.59
CA SER A 738 -19.37 -11.91 -15.70
C SER A 738 -18.56 -11.67 -16.98
N LEU A 739 -18.02 -10.46 -17.13
CA LEU A 739 -17.13 -10.18 -18.26
C LEU A 739 -15.87 -11.05 -18.23
N SER A 740 -15.14 -11.06 -17.12
CA SER A 740 -13.87 -11.80 -17.12
C SER A 740 -14.09 -13.31 -17.22
N VAL A 741 -15.11 -13.88 -16.58
CA VAL A 741 -15.28 -15.33 -16.70
C VAL A 741 -15.83 -15.71 -18.08
N SER A 742 -16.45 -14.77 -18.79
CA SER A 742 -16.96 -15.08 -20.12
C SER A 742 -15.83 -15.16 -21.13
N ALA A 743 -14.60 -14.87 -20.70
CA ALA A 743 -13.42 -14.99 -21.56
C ALA A 743 -13.33 -16.36 -22.23
N TYR A 744 -13.79 -17.37 -21.52
CA TYR A 744 -13.67 -18.75 -22.01
C TYR A 744 -14.82 -19.16 -22.93
N PHE A 745 -15.60 -18.18 -23.40
CA PHE A 745 -16.75 -18.47 -24.24
C PHE A 745 -16.88 -17.49 -25.40
N ASP A 746 -17.74 -17.83 -26.36
CA ASP A 746 -17.96 -17.03 -27.56
C ASP A 746 -18.71 -15.74 -27.27
N LYS A 747 -19.23 -15.61 -26.05
CA LYS A 747 -20.03 -14.44 -25.69
C LYS A 747 -19.19 -13.29 -25.12
N TYR A 748 -17.87 -13.48 -25.04
CA TYR A 748 -17.00 -12.49 -24.41
C TYR A 748 -17.18 -11.06 -24.95
N PHE A 749 -17.18 -10.90 -26.27
CA PHE A 749 -17.21 -9.54 -26.80
C PHE A 749 -18.61 -8.92 -26.69
N GLU A 750 -19.65 -9.76 -26.61
CA GLU A 750 -20.98 -9.23 -26.31
C GLU A 750 -21.02 -8.69 -24.88
N LEU A 751 -20.44 -9.41 -23.93
CA LEU A 751 -20.39 -8.91 -22.55
C LEU A 751 -19.42 -7.72 -22.45
N TYR A 752 -18.38 -7.74 -23.28
CA TYR A 752 -17.45 -6.61 -23.40
C TYR A 752 -18.20 -5.32 -23.71
N ASP A 753 -19.04 -5.37 -24.75
CA ASP A 753 -19.82 -4.20 -25.15
C ASP A 753 -20.88 -3.84 -24.13
N LYS A 754 -21.56 -4.85 -23.59
CA LYS A 754 -22.60 -4.60 -22.60
C LYS A 754 -22.04 -3.91 -21.37
N THR A 755 -20.93 -4.44 -20.87
CA THR A 755 -20.35 -3.90 -19.64
C THR A 755 -19.66 -2.56 -19.88
N TYR A 756 -19.14 -2.34 -21.08
CA TYR A 756 -18.58 -1.04 -21.43
C TYR A 756 -19.66 0.02 -21.36
N LYS A 757 -20.81 -0.28 -21.96
CA LYS A 757 -21.92 0.65 -21.90
C LYS A 757 -22.34 0.98 -20.47
N LEU A 758 -22.32 -0.02 -19.60
CA LEU A 758 -22.64 0.22 -18.19
C LEU A 758 -21.57 1.05 -17.48
N SER A 759 -20.33 0.99 -17.97
CA SER A 759 -19.20 1.59 -17.28
C SER A 759 -18.80 2.99 -17.75
N LYS A 760 -19.07 3.32 -19.01
CA LYS A 760 -18.40 4.44 -19.67
C LYS A 760 -18.72 5.84 -19.13
N ASP A 761 -19.82 5.97 -18.40
CA ASP A 761 -20.26 7.30 -17.96
C ASP A 761 -19.89 7.61 -16.51
N ASP A 762 -19.11 6.74 -15.89
CA ASP A 762 -18.58 6.99 -14.55
C ASP A 762 -17.08 6.79 -14.63
N GLU A 763 -16.32 7.84 -14.34
CA GLU A 763 -14.87 7.81 -14.53
C GLU A 763 -14.18 6.63 -13.84
N LEU A 764 -14.61 6.35 -12.61
CA LEU A 764 -13.96 5.32 -11.81
C LEU A 764 -14.42 3.94 -12.21
N LEU A 765 -15.69 3.82 -12.55
CA LEU A 765 -16.23 2.55 -13.02
C LEU A 765 -15.58 2.14 -14.34
N LEU A 766 -15.35 3.10 -15.22
CA LEU A 766 -14.69 2.82 -16.48
C LEU A 766 -13.27 2.28 -16.23
N GLN A 767 -12.60 2.83 -15.23
CA GLN A 767 -11.28 2.35 -14.86
C GLN A 767 -11.35 0.92 -14.31
N GLU A 768 -12.39 0.58 -13.56
CA GLU A 768 -12.58 -0.79 -13.11
C GLU A 768 -12.86 -1.72 -14.30
N TRP A 769 -13.61 -1.22 -15.27
CA TRP A 769 -13.86 -1.97 -16.50
C TRP A 769 -12.54 -2.22 -17.23
N LEU A 770 -11.72 -1.18 -17.36
CA LEU A 770 -10.41 -1.35 -17.98
C LEU A 770 -9.58 -2.46 -17.32
N LYS A 771 -9.58 -2.48 -16.00
CA LYS A 771 -8.83 -3.53 -15.27
C LYS A 771 -9.37 -4.91 -15.58
N THR A 772 -10.70 -5.03 -15.68
CA THR A 772 -11.35 -6.31 -15.93
C THR A 772 -10.96 -6.83 -17.30
N VAL A 773 -10.96 -5.94 -18.28
CA VAL A 773 -10.53 -6.31 -19.62
C VAL A 773 -9.05 -6.68 -19.61
N SER A 774 -8.23 -5.83 -19.01
CA SER A 774 -6.78 -6.08 -18.89
C SER A 774 -6.44 -7.45 -18.29
N ARG A 775 -7.21 -7.88 -17.29
CA ARG A 775 -6.87 -9.14 -16.62
CA ARG A 775 -6.91 -9.14 -16.59
C ARG A 775 -7.64 -10.33 -17.20
N SER A 776 -8.43 -10.09 -18.25
CA SER A 776 -9.18 -11.17 -18.92
C SER A 776 -8.28 -12.26 -19.50
N ASP A 777 -8.63 -13.52 -19.24
CA ASP A 777 -7.82 -14.63 -19.72
C ASP A 777 -8.14 -14.95 -21.18
N ARG A 778 -7.70 -14.06 -22.08
CA ARG A 778 -7.96 -14.17 -23.50
C ARG A 778 -6.71 -14.51 -24.28
N LYS A 779 -6.85 -15.38 -25.28
CA LYS A 779 -5.73 -15.71 -26.14
C LYS A 779 -5.39 -14.52 -27.03
N ASP A 780 -6.39 -13.69 -27.31
CA ASP A 780 -6.18 -12.51 -28.16
C ASP A 780 -5.97 -11.24 -27.32
N ILE A 781 -5.41 -11.39 -26.12
CA ILE A 781 -5.28 -10.25 -25.18
C ILE A 781 -4.41 -9.11 -25.73
N TYR A 782 -3.40 -9.43 -26.54
CA TYR A 782 -2.58 -8.37 -27.15
C TYR A 782 -3.37 -7.52 -28.14
N GLU A 783 -4.22 -8.17 -28.92
CA GLU A 783 -5.12 -7.44 -29.81
C GLU A 783 -6.12 -6.59 -29.03
N ILE A 784 -6.61 -7.16 -27.92
CA ILE A 784 -7.55 -6.46 -27.07
C ILE A 784 -6.91 -5.23 -26.41
N LEU A 785 -5.67 -5.36 -25.96
CA LEU A 785 -4.98 -4.19 -25.38
C LEU A 785 -4.83 -3.08 -26.41
N LYS A 786 -4.51 -3.45 -27.64
CA LYS A 786 -4.36 -2.46 -28.70
C LYS A 786 -5.69 -1.74 -28.94
N LYS A 787 -6.78 -2.49 -28.83
CA LYS A 787 -8.13 -1.93 -28.97
C LYS A 787 -8.41 -0.94 -27.84
N LEU A 788 -8.07 -1.30 -26.61
CA LEU A 788 -8.21 -0.39 -25.47
C LEU A 788 -7.43 0.89 -25.71
N GLU A 789 -6.21 0.75 -26.23
CA GLU A 789 -5.37 1.92 -26.48
C GLU A 789 -6.03 2.87 -27.48
N ASN A 790 -6.53 2.32 -28.57
CA ASN A 790 -7.08 3.15 -29.64
C ASN A 790 -8.43 3.74 -29.31
N GLU A 791 -9.24 3.00 -28.54
CA GLU A 791 -10.64 3.36 -28.37
C GLU A 791 -10.97 4.03 -27.04
N VAL A 792 -10.24 3.70 -25.98
CA VAL A 792 -10.56 4.20 -24.65
C VAL A 792 -9.43 4.97 -23.98
N LEU A 793 -8.23 4.39 -23.92
CA LEU A 793 -7.12 5.02 -23.21
C LEU A 793 -6.58 6.23 -23.97
N LYS A 794 -6.30 6.04 -25.26
CA LYS A 794 -5.71 7.08 -26.11
C LYS A 794 -4.46 7.69 -25.43
N ASP A 795 -4.35 9.01 -25.41
CA ASP A 795 -3.16 9.64 -24.87
C ASP A 795 -3.42 10.24 -23.48
N SER A 796 -4.35 9.64 -22.74
CA SER A 796 -4.64 10.05 -21.37
C SER A 796 -3.36 10.06 -20.56
N LYS A 797 -3.18 11.11 -19.74
CA LYS A 797 -2.06 11.19 -18.83
C LYS A 797 -2.52 10.87 -17.41
N ASN A 798 -3.76 10.43 -17.28
CA ASN A 798 -4.31 10.07 -15.96
C ASN A 798 -3.69 8.77 -15.47
N PRO A 799 -2.96 8.81 -14.33
CA PRO A 799 -2.31 7.57 -13.88
C PRO A 799 -3.28 6.42 -13.62
N ASN A 800 -4.48 6.72 -13.14
CA ASN A 800 -5.48 5.67 -12.94
C ASN A 800 -5.81 4.95 -14.25
N ASP A 801 -5.87 5.70 -15.35
CA ASP A 801 -6.19 5.10 -16.66
C ASP A 801 -5.03 4.19 -17.09
N ILE A 802 -3.83 4.74 -17.06
CA ILE A 802 -2.66 4.00 -17.51
C ILE A 802 -2.44 2.72 -16.67
N ARG A 803 -2.54 2.85 -15.35
CA ARG A 803 -2.34 1.69 -14.49
C ARG A 803 -3.44 0.65 -14.69
N ALA A 804 -4.68 1.10 -14.97
CA ALA A 804 -5.79 0.16 -15.15
C ALA A 804 -5.60 -0.67 -16.41
N VAL A 805 -5.10 -0.04 -17.47
CA VAL A 805 -4.95 -0.75 -18.74
C VAL A 805 -3.83 -1.79 -18.71
N TYR A 806 -2.72 -1.49 -18.03
CA TYR A 806 -1.53 -2.32 -18.18
C TYR A 806 -1.14 -3.21 -16.99
N LEU A 807 -1.33 -2.77 -15.76
CA LEU A 807 -0.85 -3.58 -14.63
C LEU A 807 -1.55 -4.94 -14.48
N PRO A 808 -2.90 -5.01 -14.60
CA PRO A 808 -3.51 -6.34 -14.46
C PRO A 808 -3.01 -7.33 -15.49
N PHE A 809 -2.86 -6.88 -16.74
CA PHE A 809 -2.28 -7.70 -17.81
C PHE A 809 -0.91 -8.27 -17.43
N THR A 810 -0.08 -7.49 -16.73
CA THR A 810 1.26 -7.99 -16.40
C THR A 810 1.17 -9.15 -15.43
N ASN A 811 0.00 -9.39 -14.85
CA ASN A 811 -0.10 -10.56 -14.00
C ASN A 811 -0.62 -11.78 -14.74
N ASN A 812 -0.80 -11.65 -16.05
CA ASN A 812 -1.18 -12.79 -16.88
C ASN A 812 0.06 -13.68 -17.09
N LEU A 813 0.15 -14.77 -16.34
CA LEU A 813 1.36 -15.58 -16.30
C LEU A 813 1.75 -16.14 -17.66
N ARG A 814 0.79 -16.69 -18.39
CA ARG A 814 1.05 -17.26 -19.70
C ARG A 814 1.34 -16.21 -20.78
N ARG A 815 0.63 -15.09 -20.73
CA ARG A 815 0.68 -14.12 -21.84
C ARG A 815 1.69 -12.99 -21.66
N PHE A 816 1.74 -12.41 -20.47
CA PHE A 816 2.70 -11.32 -20.25
C PHE A 816 4.13 -11.84 -20.42
N HIS A 817 4.36 -13.07 -19.99
CA HIS A 817 5.67 -13.70 -20.09
C HIS A 817 5.84 -14.54 -21.35
N ASP A 818 5.08 -14.21 -22.39
CA ASP A 818 5.27 -14.80 -23.72
C ASP A 818 6.75 -14.84 -24.06
N ILE A 819 7.22 -16.00 -24.51
CA ILE A 819 8.65 -16.24 -24.70
C ILE A 819 9.28 -15.38 -25.80
N SER A 820 8.45 -14.77 -26.65
CA SER A 820 8.94 -13.81 -27.64
C SER A 820 9.45 -12.53 -26.99
N GLY A 821 9.05 -12.30 -25.76
CA GLY A 821 9.36 -11.05 -25.09
C GLY A 821 8.42 -9.89 -25.44
N LYS A 822 7.37 -10.16 -26.20
CA LYS A 822 6.45 -9.09 -26.65
C LYS A 822 5.76 -8.34 -25.49
N GLY A 823 5.51 -9.05 -24.39
CA GLY A 823 4.90 -8.42 -23.23
C GLY A 823 5.85 -7.49 -22.52
N TYR A 824 7.10 -7.91 -22.41
CA TYR A 824 8.14 -7.07 -21.83
C TYR A 824 8.37 -5.82 -22.69
N LYS A 825 8.34 -6.02 -24.01
CA LYS A 825 8.51 -4.92 -24.95
C LYS A 825 7.40 -3.90 -24.78
N LEU A 826 6.19 -4.40 -24.63
CA LEU A 826 5.01 -3.56 -24.53
C LEU A 826 5.04 -2.69 -23.29
N ILE A 827 5.31 -3.28 -22.13
CA ILE A 827 5.29 -2.50 -20.89
CA ILE A 827 5.30 -2.50 -20.90
C ILE A 827 6.49 -1.54 -20.86
N ALA A 828 7.62 -1.94 -21.43
CA ALA A 828 8.77 -1.02 -21.48
C ALA A 828 8.46 0.21 -22.32
N GLU A 829 7.73 0.01 -23.41
CA GLU A 829 7.28 1.14 -24.24
C GLU A 829 6.36 2.08 -23.45
N VAL A 830 5.45 1.50 -22.68
CA VAL A 830 4.55 2.30 -21.84
C VAL A 830 5.31 3.06 -20.76
N ILE A 831 6.27 2.40 -20.12
CA ILE A 831 7.10 3.06 -19.11
C ILE A 831 7.87 4.26 -19.71
N THR A 832 8.50 4.04 -20.85
CA THR A 832 9.26 5.12 -21.47
C THR A 832 8.35 6.28 -21.86
N LYS A 833 7.17 5.96 -22.38
CA LYS A 833 6.21 6.99 -22.77
C LYS A 833 5.72 7.78 -21.55
N THR A 834 5.38 7.06 -20.48
CA THR A 834 4.88 7.67 -19.26
C THR A 834 5.97 8.53 -18.59
N ASP A 835 7.23 8.10 -18.68
CA ASP A 835 8.35 8.76 -18.01
C ASP A 835 8.56 10.19 -18.52
N LYS A 836 8.11 10.46 -19.74
CA LYS A 836 8.20 11.82 -20.30
C LYS A 836 7.40 12.86 -19.50
N PHE A 837 6.31 12.42 -18.87
CA PHE A 837 5.46 13.38 -18.14
C PHE A 837 5.25 13.04 -16.67
N ASN A 838 5.43 11.78 -16.28
CA ASN A 838 5.25 11.38 -14.88
C ASN A 838 6.19 10.26 -14.44
N PRO A 839 7.44 10.64 -14.08
CA PRO A 839 8.48 9.69 -13.66
C PRO A 839 8.08 8.81 -12.48
N MET A 840 7.31 9.35 -11.54
CA MET A 840 6.91 8.55 -10.39
C MET A 840 6.04 7.37 -10.85
N VAL A 841 5.07 7.65 -11.71
CA VAL A 841 4.19 6.59 -12.17
C VAL A 841 4.92 5.67 -13.17
N ALA A 842 5.86 6.22 -13.94
CA ALA A 842 6.63 5.37 -14.86
C ALA A 842 7.38 4.33 -14.04
N THR A 843 7.86 4.74 -12.88
CA THR A 843 8.62 3.81 -12.05
C THR A 843 7.69 2.77 -11.43
N GLN A 844 6.46 3.16 -11.08
CA GLN A 844 5.45 2.19 -10.63
C GLN A 844 5.21 1.12 -11.67
N LEU A 845 5.24 1.52 -12.94
CA LEU A 845 4.91 0.61 -14.02
C LEU A 845 6.04 -0.38 -14.27
N CYS A 846 7.19 -0.14 -13.62
CA CYS A 846 8.31 -1.09 -13.68
C CYS A 846 8.11 -2.33 -12.81
N GLU A 847 7.06 -2.34 -12.00
CA GLU A 847 6.86 -3.41 -11.02
C GLU A 847 7.02 -4.85 -11.56
N PRO A 848 6.53 -5.15 -12.79
CA PRO A 848 6.69 -6.54 -13.23
C PRO A 848 8.14 -6.97 -13.43
N PHE A 849 9.02 -6.00 -13.64
CA PHE A 849 10.43 -6.31 -13.87
C PHE A 849 11.14 -6.65 -12.56
N LYS A 850 10.47 -6.51 -11.40
CA LYS A 850 11.17 -6.67 -10.14
C LYS A 850 11.70 -8.09 -9.92
N LEU A 851 11.05 -9.07 -10.55
CA LEU A 851 11.47 -10.46 -10.38
C LEU A 851 12.36 -10.98 -11.51
N TRP A 852 12.91 -10.07 -12.31
CA TRP A 852 13.56 -10.46 -13.55
C TRP A 852 14.62 -11.55 -13.36
N ASN A 853 15.38 -11.46 -12.28
CA ASN A 853 16.51 -12.35 -12.10
C ASN A 853 16.08 -13.65 -11.42
N LYS A 854 14.77 -13.81 -11.20
CA LYS A 854 14.23 -15.06 -10.65
C LYS A 854 13.65 -15.99 -11.72
N LEU A 855 13.58 -15.52 -12.95
CA LEU A 855 12.99 -16.32 -14.02
C LEU A 855 14.01 -17.21 -14.72
N ASP A 856 13.50 -18.08 -15.62
CA ASP A 856 14.37 -18.89 -16.46
C ASP A 856 15.31 -18.00 -17.27
N THR A 857 16.46 -18.56 -17.66
CA THR A 857 17.53 -17.75 -18.23
C THR A 857 17.13 -17.01 -19.51
N LYS A 858 16.24 -17.59 -20.31
CA LYS A 858 15.82 -16.91 -21.53
C LYS A 858 14.99 -15.68 -21.19
N ARG A 859 14.10 -15.82 -20.22
CA ARG A 859 13.25 -14.70 -19.85
C ARG A 859 14.04 -13.63 -19.10
N GLN A 860 15.04 -14.04 -18.31
CA GLN A 860 15.92 -13.05 -17.67
C GLN A 860 16.57 -12.15 -18.72
N GLU A 861 17.08 -12.78 -19.76
CA GLU A 861 17.74 -12.08 -20.85
C GLU A 861 16.78 -11.12 -21.55
N LEU A 862 15.57 -11.58 -21.83
CA LEU A 862 14.55 -10.75 -22.47
C LEU A 862 14.21 -9.53 -21.62
N MET A 863 14.02 -9.74 -20.32
CA MET A 863 13.68 -8.63 -19.43
C MET A 863 14.85 -7.67 -19.30
N LEU A 864 16.05 -8.22 -19.13
CA LEU A 864 17.25 -7.39 -18.98
C LEU A 864 17.45 -6.51 -20.20
N ASN A 865 17.22 -7.08 -21.39
CA ASN A 865 17.34 -6.30 -22.62
CA ASN A 865 17.36 -6.29 -22.62
C ASN A 865 16.42 -5.08 -22.65
N GLU A 866 15.17 -5.27 -22.25
CA GLU A 866 14.21 -4.16 -22.23
C GLU A 866 14.60 -3.11 -21.19
N MET A 867 15.12 -3.54 -20.05
CA MET A 867 15.54 -2.58 -19.04
C MET A 867 16.76 -1.80 -19.51
N ASN A 868 17.70 -2.49 -20.17
CA ASN A 868 18.86 -1.80 -20.71
C ASN A 868 18.44 -0.84 -21.82
N THR A 869 17.42 -1.23 -22.59
CA THR A 869 16.89 -0.32 -23.62
C THR A 869 16.29 0.95 -22.99
N MET A 870 15.52 0.78 -21.92
CA MET A 870 14.95 1.92 -21.20
C MET A 870 16.05 2.82 -20.62
N LEU A 871 17.11 2.20 -20.09
CA LEU A 871 18.22 2.95 -19.52
C LEU A 871 18.98 3.76 -20.56
N GLN A 872 18.93 3.33 -21.81
CA GLN A 872 19.64 4.03 -22.88
C GLN A 872 18.86 5.22 -23.46
N GLU A 873 17.60 5.41 -23.03
CA GLU A 873 16.83 6.56 -23.54
C GLU A 873 17.46 7.86 -23.10
N PRO A 874 17.82 8.74 -24.06
CA PRO A 874 18.49 10.00 -23.71
C PRO A 874 17.72 10.86 -22.71
N GLN A 875 16.39 10.80 -22.74
CA GLN A 875 15.60 11.70 -21.91
C GLN A 875 15.09 11.05 -20.62
N ILE A 876 15.69 9.94 -20.23
CA ILE A 876 15.26 9.22 -19.02
C ILE A 876 15.32 10.10 -17.76
N SER A 877 14.28 9.99 -16.93
CA SER A 877 14.15 10.77 -15.71
C SER A 877 15.13 10.29 -14.64
N ASN A 878 15.40 11.15 -13.66
CA ASN A 878 16.20 10.72 -12.52
C ASN A 878 15.56 9.53 -11.81
N ASN A 879 14.25 9.58 -11.59
CA ASN A 879 13.52 8.49 -10.95
C ASN A 879 13.77 7.16 -11.62
N LEU A 880 13.49 7.12 -12.92
CA LEU A 880 13.55 5.86 -13.64
C LEU A 880 14.98 5.36 -13.77
N LYS A 881 15.92 6.27 -14.01
CA LYS A 881 17.31 5.85 -14.17
C LYS A 881 17.82 5.19 -12.89
N GLU A 882 17.64 5.88 -11.75
CA GLU A 882 18.13 5.39 -10.46
C GLU A 882 17.54 4.02 -10.15
N TYR A 883 16.25 3.89 -10.40
CA TYR A 883 15.53 2.66 -10.11
C TYR A 883 16.03 1.49 -10.97
N LEU A 884 16.17 1.71 -12.28
CA LEU A 884 16.60 0.62 -13.16
C LEU A 884 18.07 0.26 -12.94
N LEU A 885 18.88 1.25 -12.57
CA LEU A 885 20.28 0.97 -12.22
C LEU A 885 20.38 0.04 -11.01
N ARG A 886 19.58 0.32 -9.98
CA ARG A 886 19.56 -0.54 -8.79
C ARG A 886 18.98 -1.91 -9.12
N LEU A 887 17.93 -1.94 -9.93
CA LEU A 887 17.26 -3.22 -10.23
C LEU A 887 18.13 -4.14 -11.10
N THR A 888 18.91 -3.56 -12.00
CA THR A 888 19.73 -4.36 -12.90
C THR A 888 21.13 -4.57 -12.36
N ASN A 889 21.35 -4.17 -11.12
CA ASN A 889 22.65 -4.35 -10.47
C ASN A 889 23.79 -3.72 -11.28
N LYS A 890 23.51 -2.61 -11.94
CA LYS A 890 24.51 -1.97 -12.79
C LYS A 890 25.48 -1.12 -11.97
ZN ZN B . 0.85 7.48 5.13
C4 4SA C . 5.76 12.22 -4.13
C14 4SA C . -2.23 3.38 0.41
C5 4SA C . 4.37 12.25 -4.20
C6 4SA C . 3.64 11.47 -3.33
C11 4SA C . 0.90 7.30 0.81
C7 4SA C . 3.43 9.83 -1.51
C8 4SA C . 2.38 10.40 -0.80
C9 4SA C . 1.56 9.58 -0.03
C10 4SA C . 1.80 8.22 0.01
C12 4SA C . -1.14 6.19 0.16
C13 4SA C . -1.75 4.24 1.57
N1 4SA C . -0.37 7.29 0.15
N2 4SA C . -0.36 8.46 2.56
C3 4SA C . 6.41 11.42 -3.20
C1 4SA C . 4.30 10.68 -2.39
C2 4SA C . 5.68 10.64 -2.32
O1 4SA C . -0.82 5.22 1.13
C15 4SA C . -0.98 3.36 2.54
C16 4SA C . -2.93 4.84 2.32
O2 4SA C . -2.28 6.28 -0.27
C17 4SA C . 0.69 7.70 2.24
O3 4SA C . 1.45 7.27 3.11
O4 4SA C . -0.59 8.83 3.95
C18 4SA C . 2.85 7.66 -0.70
C19 4SA C . 3.68 8.47 -1.46
MG MG D . 8.67 26.05 -14.10
MG MG E . -10.50 11.22 -17.25
#